data_6FI9
#
_entry.id   6FI9
#
_cell.length_a   128.520
_cell.length_b   128.520
_cell.length_c   88.140
_cell.angle_alpha   90.000
_cell.angle_beta   90.000
_cell.angle_gamma   90.000
#
_symmetry.space_group_name_H-M   'P 41'
#
loop_
_entity.id
_entity.type
_entity.pdbx_description
1 polymer 'Transcriptional regulator ZitR'
2 non-polymer 'ZINC ION'
#
_entity_poly.entity_id   1
_entity_poly.type   'polypeptide(L)'
_entity_poly.pdbx_seq_one_letter_code
;ALRNQIEQFLGAIMQFAENKHEILLGECESNVKLTSTQEHILMILAAEVSTNARIAEQLKISPAAVTKALKKLQEQELIK
SSRATNDERVVLWSLTEKAIPVAKEHAAHHEKTLSTYQELGDKFTDEEQKVISQFLSVLTEEFR
;
_entity_poly.pdbx_strand_id   A,B,C,D,E,F,G,H
#
loop_
_chem_comp.id
_chem_comp.type
_chem_comp.name
_chem_comp.formula
ZN non-polymer 'ZINC ION' 'Zn 2'
#
# COMPACT_ATOMS: atom_id res chain seq x y z
N ALA A 1 9.30 -2.61 47.99
CA ALA A 1 10.17 -3.16 46.96
C ALA A 1 9.37 -3.97 45.94
N LEU A 2 8.38 -4.78 46.40
CA LEU A 2 7.54 -5.59 45.51
C LEU A 2 6.73 -4.70 44.58
N ARG A 3 6.28 -3.51 45.05
CA ARG A 3 5.55 -2.54 44.22
C ARG A 3 6.37 -2.08 43.01
N ASN A 4 7.66 -1.84 43.23
CA ASN A 4 8.61 -1.40 42.20
C ASN A 4 8.96 -2.57 41.29
N GLN A 5 9.02 -3.81 41.84
CA GLN A 5 9.31 -5.01 41.05
C GLN A 5 8.15 -5.33 40.12
N ILE A 6 6.89 -5.15 40.57
CA ILE A 6 5.69 -5.37 39.77
C ILE A 6 5.67 -4.35 38.61
N GLU A 7 6.01 -3.07 38.92
CA GLU A 7 6.09 -2.00 37.93
C GLU A 7 7.16 -2.30 36.89
N GLN A 8 8.32 -2.84 37.33
CA GLN A 8 9.46 -3.23 36.49
C GLN A 8 9.07 -4.39 35.59
N PHE A 9 8.49 -5.44 36.17
CA PHE A 9 8.08 -6.65 35.47
C PHE A 9 7.08 -6.39 34.36
N LEU A 10 6.04 -5.57 34.65
CA LEU A 10 5.02 -5.19 33.67
C LEU A 10 5.60 -4.33 32.57
N GLY A 11 6.60 -3.50 32.94
CA GLY A 11 7.33 -2.64 32.02
C GLY A 11 8.17 -3.42 31.01
N ALA A 12 8.73 -4.56 31.44
CA ALA A 12 9.54 -5.45 30.60
C ALA A 12 8.66 -6.11 29.54
N ILE A 13 7.40 -6.45 29.90
CA ILE A 13 6.42 -7.06 28.99
C ILE A 13 6.02 -6.01 27.93
N MET A 14 5.81 -4.75 28.37
CA MET A 14 5.46 -3.62 27.52
C MET A 14 6.46 -3.45 26.37
N GLN A 15 7.76 -3.43 26.71
CA GLN A 15 8.84 -3.29 25.73
C GLN A 15 8.86 -4.50 24.79
N PHE A 16 8.73 -5.72 25.35
CA PHE A 16 8.72 -7.00 24.63
C PHE A 16 7.57 -7.09 23.62
N ALA A 17 6.46 -6.43 23.92
CA ALA A 17 5.34 -6.47 23.00
C ALA A 17 4.91 -5.09 22.48
N GLU A 18 5.89 -4.32 22.01
CA GLU A 18 5.64 -3.02 21.41
C GLU A 18 5.07 -3.12 19.99
N ASN A 19 5.33 -4.25 19.30
CA ASN A 19 4.80 -4.47 17.94
C ASN A 19 4.14 -5.85 17.77
N LYS A 20 4.28 -6.73 18.78
CA LYS A 20 3.69 -8.08 18.79
C LYS A 20 2.26 -8.07 19.34
N HIS A 21 1.45 -9.08 18.96
CA HIS A 21 0.07 -9.24 19.41
C HIS A 21 -0.02 -10.31 20.51
N GLU A 22 0.83 -11.34 20.41
CA GLU A 22 0.93 -12.47 21.33
C GLU A 22 2.36 -12.70 21.80
N ILE A 23 2.52 -13.27 23.00
CA ILE A 23 3.83 -13.57 23.56
C ILE A 23 4.21 -15.02 23.25
N LEU A 24 5.33 -15.18 22.51
CA LEU A 24 5.89 -16.48 22.14
C LEU A 24 7.37 -16.44 22.45
N LEU A 25 7.80 -17.26 23.43
CA LEU A 25 9.19 -17.33 23.85
C LEU A 25 9.95 -18.32 22.98
N GLY A 26 11.10 -17.86 22.48
CA GLY A 26 11.98 -18.58 21.58
C GLY A 26 11.96 -17.95 20.19
N GLU A 27 12.52 -18.67 19.19
CA GLU A 27 12.57 -18.20 17.80
C GLU A 27 11.66 -19.03 16.89
N CYS A 28 11.12 -18.36 15.85
CA CYS A 28 10.22 -18.98 14.88
C CYS A 28 10.99 -19.84 13.90
N GLU A 29 10.67 -21.15 13.88
CA GLU A 29 11.29 -22.15 13.01
C GLU A 29 10.61 -22.28 11.63
N SER A 30 9.67 -21.37 11.30
CA SER A 30 8.97 -21.36 10.02
C SER A 30 9.84 -20.79 8.90
N ASN A 31 9.92 -21.54 7.78
CA ASN A 31 10.69 -21.19 6.59
C ASN A 31 10.01 -20.07 5.78
N VAL A 32 8.69 -19.87 5.98
CA VAL A 32 7.87 -18.86 5.31
C VAL A 32 7.80 -17.55 6.12
N LYS A 33 7.77 -16.41 5.40
CA LYS A 33 7.71 -15.07 5.98
C LYS A 33 6.26 -14.68 6.32
N LEU A 34 5.86 -14.88 7.59
CA LEU A 34 4.52 -14.57 8.09
C LEU A 34 4.57 -13.98 9.50
N THR A 35 3.62 -13.08 9.83
CA THR A 35 3.53 -12.41 11.13
C THR A 35 2.98 -13.34 12.21
N SER A 36 2.94 -12.85 13.48
CA SER A 36 2.44 -13.59 14.65
C SER A 36 1.00 -14.07 14.43
N THR A 37 0.10 -13.13 14.09
CA THR A 37 -1.33 -13.38 13.84
C THR A 37 -1.55 -14.29 12.63
N GLN A 38 -0.86 -13.99 11.51
CA GLN A 38 -0.95 -14.75 10.25
C GLN A 38 -0.70 -16.25 10.43
N GLU A 39 0.35 -16.61 11.20
CA GLU A 39 0.69 -18.00 11.48
C GLU A 39 -0.34 -18.65 12.40
N HIS A 40 -0.86 -17.86 13.35
CA HIS A 40 -1.87 -18.32 14.30
C HIS A 40 -3.21 -18.60 13.61
N ILE A 41 -3.56 -17.82 12.56
CA ILE A 41 -4.78 -18.03 11.79
C ILE A 41 -4.74 -19.44 11.16
N LEU A 42 -3.55 -19.83 10.63
CA LEU A 42 -3.32 -21.15 10.03
C LEU A 42 -3.47 -22.28 11.06
N MET A 43 -3.03 -22.02 12.30
CA MET A 43 -3.08 -22.96 13.43
C MET A 43 -4.52 -23.34 13.81
N ILE A 44 -5.41 -22.33 13.99
CA ILE A 44 -6.83 -22.53 14.35
C ILE A 44 -7.65 -23.12 13.19
N LEU A 45 -7.22 -22.86 11.94
CA LEU A 45 -7.88 -23.37 10.73
C LEU A 45 -7.51 -24.84 10.47
N ALA A 46 -6.37 -25.30 11.00
CA ALA A 46 -5.88 -26.67 10.86
C ALA A 46 -6.78 -27.66 11.61
N ALA A 47 -7.12 -27.34 12.88
CA ALA A 47 -7.97 -28.18 13.73
C ALA A 47 -9.42 -28.15 13.28
N GLU A 48 -9.97 -26.94 13.08
CA GLU A 48 -11.38 -26.73 12.69
C GLU A 48 -11.51 -25.73 11.54
N VAL A 49 -12.32 -26.08 10.52
CA VAL A 49 -12.61 -25.21 9.38
C VAL A 49 -13.49 -24.04 9.84
N SER A 50 -12.87 -22.86 9.96
CA SER A 50 -13.50 -21.65 10.49
C SER A 50 -13.98 -20.66 9.42
N THR A 51 -14.98 -19.84 9.79
CA THR A 51 -15.55 -18.77 8.97
C THR A 51 -14.80 -17.48 9.26
N ASN A 52 -15.00 -16.43 8.43
CA ASN A 52 -14.36 -15.12 8.57
C ASN A 52 -14.65 -14.46 9.93
N ALA A 53 -15.83 -14.77 10.50
CA ALA A 53 -16.32 -14.24 11.78
C ALA A 53 -15.66 -14.90 12.99
N ARG A 54 -15.52 -16.24 12.99
CA ARG A 54 -14.91 -16.99 14.09
C ARG A 54 -13.43 -16.66 14.28
N ILE A 55 -12.70 -16.37 13.18
CA ILE A 55 -11.27 -15.99 13.21
C ILE A 55 -11.09 -14.73 14.07
N ALA A 56 -11.98 -13.73 13.90
CA ALA A 56 -11.98 -12.47 14.67
C ALA A 56 -12.29 -12.72 16.15
N GLU A 57 -13.18 -13.69 16.42
CA GLU A 57 -13.61 -14.09 17.76
C GLU A 57 -12.49 -14.82 18.51
N GLN A 58 -11.79 -15.77 17.83
CA GLN A 58 -10.70 -16.56 18.39
C GLN A 58 -9.47 -15.70 18.66
N LEU A 59 -9.00 -14.95 17.65
CA LEU A 59 -7.82 -14.08 17.73
C LEU A 59 -8.02 -12.83 18.56
N LYS A 60 -9.29 -12.45 18.84
CA LYS A 60 -9.71 -11.26 19.59
C LYS A 60 -9.26 -9.95 18.90
N ILE A 61 -9.16 -10.01 17.55
CA ILE A 61 -8.78 -8.90 16.67
C ILE A 61 -9.98 -8.46 15.80
N SER A 62 -9.97 -7.19 15.35
CA SER A 62 -11.03 -6.57 14.53
C SER A 62 -11.22 -7.26 13.17
N PRO A 63 -12.48 -7.46 12.69
CA PRO A 63 -12.70 -8.11 11.38
C PRO A 63 -12.05 -7.41 10.18
N ALA A 64 -11.68 -6.12 10.35
CA ALA A 64 -10.99 -5.31 9.35
C ALA A 64 -9.56 -5.81 9.20
N ALA A 65 -8.91 -6.13 10.34
CA ALA A 65 -7.55 -6.67 10.41
C ALA A 65 -7.50 -8.12 9.95
N VAL A 66 -8.65 -8.84 10.09
CA VAL A 66 -8.82 -10.25 9.69
C VAL A 66 -8.74 -10.37 8.17
N THR A 67 -9.55 -9.55 7.45
CA THR A 67 -9.59 -9.53 5.98
C THR A 67 -8.24 -9.07 5.39
N LYS A 68 -7.53 -8.17 6.12
CA LYS A 68 -6.20 -7.64 5.75
C LYS A 68 -5.13 -8.74 5.86
N ALA A 69 -5.26 -9.64 6.86
CA ALA A 69 -4.35 -10.75 7.11
C ALA A 69 -4.68 -11.98 6.27
N LEU A 70 -5.99 -12.20 6.00
CA LEU A 70 -6.49 -13.32 5.19
C LEU A 70 -6.19 -13.16 3.71
N LYS A 71 -6.12 -11.89 3.21
CA LYS A 71 -5.80 -11.60 1.82
C LYS A 71 -4.33 -11.88 1.49
N LYS A 72 -3.43 -11.62 2.47
CA LYS A 72 -1.99 -11.86 2.37
C LYS A 72 -1.67 -13.35 2.55
N LEU A 73 -2.58 -14.07 3.26
CA LEU A 73 -2.50 -15.50 3.54
C LEU A 73 -2.92 -16.34 2.32
N GLN A 74 -4.01 -15.95 1.63
CA GLN A 74 -4.51 -16.63 0.43
C GLN A 74 -3.62 -16.32 -0.79
N GLU A 75 -2.87 -15.21 -0.74
CA GLU A 75 -1.93 -14.75 -1.76
C GLU A 75 -0.79 -15.74 -1.92
N GLN A 76 -0.31 -16.30 -0.79
CA GLN A 76 0.79 -17.26 -0.76
C GLN A 76 0.31 -18.73 -0.83
N GLU A 77 -0.92 -18.95 -1.36
CA GLU A 77 -1.58 -20.26 -1.56
C GLU A 77 -1.61 -21.12 -0.28
N LEU A 78 -1.90 -20.48 0.88
CA LEU A 78 -1.96 -21.14 2.19
C LEU A 78 -3.39 -21.49 2.60
N ILE A 79 -4.37 -20.61 2.29
CA ILE A 79 -5.79 -20.82 2.62
C ILE A 79 -6.68 -20.74 1.37
N LYS A 80 -7.76 -21.55 1.34
CA LYS A 80 -8.72 -21.63 0.24
C LYS A 80 -10.15 -21.31 0.66
N SER A 81 -10.89 -20.54 -0.16
CA SER A 81 -12.28 -20.13 0.09
C SER A 81 -13.27 -21.28 -0.14
N SER A 82 -14.34 -21.30 0.67
CA SER A 82 -15.43 -22.28 0.59
C SER A 82 -16.76 -21.64 0.97
N ARG A 83 -17.85 -22.05 0.32
CA ARG A 83 -19.19 -21.49 0.59
C ARG A 83 -20.23 -22.58 0.79
N ALA A 84 -21.08 -22.42 1.82
CA ALA A 84 -22.13 -23.37 2.19
C ALA A 84 -23.29 -23.43 1.20
N THR A 85 -24.10 -24.52 1.25
CA THR A 85 -25.27 -24.73 0.40
C THR A 85 -26.37 -23.69 0.68
N ASN A 86 -26.41 -23.17 1.92
CA ASN A 86 -27.33 -22.12 2.35
C ASN A 86 -26.50 -20.88 2.74
N ASP A 87 -26.13 -20.10 1.69
CA ASP A 87 -25.31 -18.90 1.81
C ASP A 87 -26.03 -17.72 2.44
N GLU A 88 -25.48 -17.20 3.54
CA GLU A 88 -25.98 -16.03 4.27
C GLU A 88 -24.76 -15.12 4.47
N ARG A 89 -24.14 -14.70 3.33
CA ARG A 89 -22.89 -13.93 3.20
C ARG A 89 -21.71 -14.65 3.95
N VAL A 90 -21.86 -15.99 4.06
CA VAL A 90 -20.96 -16.93 4.73
C VAL A 90 -19.76 -17.31 3.84
N VAL A 91 -18.56 -17.09 4.37
CA VAL A 91 -17.29 -17.40 3.70
C VAL A 91 -16.44 -18.29 4.60
N LEU A 92 -16.52 -19.60 4.38
CA LEU A 92 -15.78 -20.60 5.13
C LEU A 92 -14.35 -20.71 4.61
N TRP A 93 -13.39 -20.91 5.52
CA TRP A 93 -11.98 -21.01 5.17
C TRP A 93 -11.40 -22.39 5.48
N SER A 94 -10.69 -22.95 4.49
CA SER A 94 -10.04 -24.26 4.56
C SER A 94 -8.53 -24.12 4.43
N LEU A 95 -7.79 -25.05 5.04
CA LEU A 95 -6.33 -25.05 5.00
C LEU A 95 -5.80 -25.91 3.84
N THR A 96 -4.79 -25.39 3.12
CA THR A 96 -4.17 -26.10 2.00
C THR A 96 -3.05 -27.02 2.52
N GLU A 97 -2.45 -27.83 1.63
CA GLU A 97 -1.36 -28.75 1.99
C GLU A 97 -0.05 -28.00 2.23
N LYS A 98 0.07 -26.80 1.63
CA LYS A 98 1.22 -25.89 1.75
C LYS A 98 1.32 -25.28 3.16
N ALA A 99 0.17 -25.05 3.81
CA ALA A 99 0.08 -24.44 5.13
C ALA A 99 0.22 -25.41 6.30
N ILE A 100 -0.11 -26.72 6.09
CA ILE A 100 -0.07 -27.78 7.10
C ILE A 100 1.24 -27.77 7.96
N PRO A 101 2.49 -27.73 7.42
CA PRO A 101 3.66 -27.70 8.32
C PRO A 101 3.83 -26.41 9.13
N VAL A 102 3.34 -25.27 8.59
CA VAL A 102 3.40 -23.94 9.22
C VAL A 102 2.52 -23.90 10.47
N ALA A 103 1.30 -24.47 10.37
CA ALA A 103 0.33 -24.58 11.45
C ALA A 103 0.86 -25.53 12.54
N LYS A 104 1.59 -26.58 12.12
CA LYS A 104 2.21 -27.57 13.00
C LYS A 104 3.32 -26.92 13.82
N GLU A 105 4.07 -25.99 13.19
CA GLU A 105 5.17 -25.26 13.82
C GLU A 105 4.67 -24.30 14.89
N HIS A 106 3.60 -23.54 14.58
CA HIS A 106 3.03 -22.56 15.50
C HIS A 106 2.45 -23.24 16.73
N ALA A 107 1.80 -24.40 16.54
CA ALA A 107 1.21 -25.20 17.62
C ALA A 107 2.32 -25.74 18.53
N ALA A 108 3.48 -26.03 17.93
CA ALA A 108 4.68 -26.49 18.64
C ALA A 108 5.34 -25.31 19.37
N HIS A 109 5.33 -24.11 18.74
CA HIS A 109 5.88 -22.86 19.27
C HIS A 109 5.06 -22.36 20.47
N HIS A 110 3.76 -22.68 20.52
CA HIS A 110 2.87 -22.35 21.62
C HIS A 110 3.12 -23.28 22.80
N GLU A 111 3.32 -24.59 22.53
CA GLU A 111 3.60 -25.58 23.56
C GLU A 111 5.03 -25.42 24.08
N LYS A 112 5.93 -24.84 23.26
CA LYS A 112 7.33 -24.53 23.60
C LYS A 112 7.35 -23.43 24.65
N THR A 113 6.48 -22.40 24.46
CA THR A 113 6.32 -21.23 25.33
C THR A 113 5.73 -21.65 26.67
N LEU A 114 4.69 -22.51 26.64
CA LEU A 114 4.05 -23.00 27.85
C LEU A 114 5.01 -23.86 28.67
N SER A 115 5.83 -24.67 27.97
CA SER A 115 6.83 -25.55 28.60
C SER A 115 7.87 -24.75 29.33
N THR A 116 8.26 -23.58 28.80
CA THR A 116 9.23 -22.72 29.47
C THR A 116 8.59 -22.13 30.74
N TYR A 117 7.27 -21.76 30.69
CA TYR A 117 6.52 -21.24 31.85
C TYR A 117 6.36 -22.35 32.90
N GLN A 118 6.20 -23.61 32.45
CA GLN A 118 6.06 -24.80 33.29
C GLN A 118 7.34 -24.99 34.10
N GLU A 119 8.54 -24.84 33.44
CA GLU A 119 9.86 -24.96 34.05
C GLU A 119 10.04 -23.95 35.20
N LEU A 120 9.73 -22.67 34.94
CA LEU A 120 9.84 -21.57 35.93
C LEU A 120 8.97 -21.83 37.16
N GLY A 121 7.79 -22.40 36.92
CA GLY A 121 6.86 -22.77 37.97
C GLY A 121 7.33 -23.96 38.78
N ASP A 122 7.93 -24.97 38.09
CA ASP A 122 8.44 -26.20 38.68
C ASP A 122 9.66 -25.99 39.62
N LYS A 123 10.29 -24.79 39.57
CA LYS A 123 11.39 -24.41 40.46
C LYS A 123 10.89 -24.28 41.90
N PHE A 124 9.59 -23.97 42.07
CA PHE A 124 8.90 -23.77 43.35
C PHE A 124 8.07 -25.01 43.73
N THR A 125 7.88 -25.25 45.04
CA THR A 125 7.09 -26.38 45.54
C THR A 125 5.60 -26.15 45.28
N ASP A 126 4.77 -27.21 45.45
CA ASP A 126 3.31 -27.17 45.25
C ASP A 126 2.63 -26.08 46.10
N GLU A 127 3.10 -25.92 47.36
CA GLU A 127 2.61 -24.90 48.30
C GLU A 127 3.08 -23.50 47.90
N GLU A 128 4.26 -23.40 47.25
CA GLU A 128 4.83 -22.14 46.77
C GLU A 128 4.13 -21.68 45.50
N GLN A 129 3.80 -22.63 44.59
CA GLN A 129 3.09 -22.38 43.32
C GLN A 129 1.68 -21.83 43.57
N LYS A 130 1.08 -22.17 44.74
CA LYS A 130 -0.23 -21.71 45.21
C LYS A 130 -0.17 -20.20 45.50
N VAL A 131 0.89 -19.75 46.20
CA VAL A 131 1.15 -18.35 46.57
C VAL A 131 1.29 -17.50 45.29
N ILE A 132 1.97 -18.04 44.26
CA ILE A 132 2.18 -17.43 42.95
C ILE A 132 0.85 -17.37 42.20
N SER A 133 0.11 -18.51 42.18
CA SER A 133 -1.20 -18.67 41.53
C SER A 133 -2.21 -17.67 42.06
N GLN A 134 -2.30 -17.51 43.40
CA GLN A 134 -3.18 -16.55 44.08
C GLN A 134 -2.85 -15.11 43.69
N PHE A 135 -1.53 -14.79 43.57
CA PHE A 135 -1.03 -13.46 43.19
C PHE A 135 -1.39 -13.11 41.76
N LEU A 136 -1.07 -14.01 40.83
CA LEU A 136 -1.34 -13.82 39.40
C LEU A 136 -2.82 -13.73 39.10
N SER A 137 -3.69 -14.30 39.99
CA SER A 137 -5.14 -14.23 39.88
C SER A 137 -5.61 -12.83 40.20
N VAL A 138 -5.12 -12.26 41.34
CA VAL A 138 -5.47 -10.91 41.78
C VAL A 138 -4.93 -9.86 40.82
N LEU A 139 -3.69 -10.02 40.39
CA LEU A 139 -3.05 -9.08 39.46
C LEU A 139 -3.68 -9.10 38.07
N THR A 140 -3.99 -10.30 37.50
CA THR A 140 -4.61 -10.40 36.16
C THR A 140 -6.00 -9.75 36.09
N GLU A 141 -6.70 -9.66 37.24
CA GLU A 141 -8.02 -9.07 37.29
C GLU A 141 -8.00 -7.54 37.10
N GLU A 142 -6.86 -6.89 37.36
CA GLU A 142 -6.71 -5.45 37.18
C GLU A 142 -6.69 -5.09 35.69
N PHE A 143 -6.24 -6.06 34.86
CA PHE A 143 -6.15 -5.95 33.40
C PHE A 143 -7.34 -6.59 32.67
N ARG A 144 -8.49 -6.73 33.38
CA ARG A 144 -9.73 -7.31 32.86
C ARG A 144 -10.92 -6.36 33.05
N ALA B 1 -1.31 -26.51 36.22
CA ALA B 1 -2.25 -25.48 35.75
C ALA B 1 -1.54 -24.14 35.65
N LEU B 2 -0.44 -23.95 36.43
CA LEU B 2 0.33 -22.71 36.52
C LEU B 2 0.86 -22.25 35.16
N ARG B 3 1.28 -23.19 34.28
CA ARG B 3 1.74 -22.86 32.93
C ARG B 3 0.65 -22.18 32.11
N ASN B 4 -0.60 -22.64 32.27
CA ASN B 4 -1.80 -22.11 31.61
C ASN B 4 -2.19 -20.78 32.21
N GLN B 5 -2.01 -20.62 33.53
CA GLN B 5 -2.31 -19.37 34.23
C GLN B 5 -1.31 -18.27 33.85
N ILE B 6 -0.03 -18.62 33.67
CA ILE B 6 1.02 -17.68 33.25
C ILE B 6 0.70 -17.20 31.82
N GLU B 7 0.27 -18.14 30.93
CA GLU B 7 -0.11 -17.83 29.55
C GLU B 7 -1.30 -16.87 29.53
N GLN B 8 -2.28 -17.11 30.43
CA GLN B 8 -3.50 -16.31 30.57
C GLN B 8 -3.16 -14.91 31.08
N PHE B 9 -2.34 -14.84 32.16
CA PHE B 9 -1.91 -13.59 32.79
C PHE B 9 -1.17 -12.67 31.84
N LEU B 10 -0.24 -13.21 31.06
CA LEU B 10 0.52 -12.46 30.07
C LEU B 10 -0.39 -12.01 28.93
N GLY B 11 -1.41 -12.82 28.62
CA GLY B 11 -2.39 -12.51 27.60
C GLY B 11 -3.25 -11.33 27.98
N ALA B 12 -3.63 -11.24 29.28
CA ALA B 12 -4.43 -10.14 29.82
C ALA B 12 -3.70 -8.80 29.68
N ILE B 13 -2.35 -8.83 29.82
CA ILE B 13 -1.47 -7.65 29.67
C ILE B 13 -1.45 -7.25 28.19
N MET B 14 -1.38 -8.26 27.29
CA MET B 14 -1.40 -8.07 25.83
C MET B 14 -2.62 -7.27 25.38
N GLN B 15 -3.83 -7.70 25.84
CA GLN B 15 -5.10 -7.03 25.53
C GLN B 15 -5.10 -5.62 26.12
N PHE B 16 -4.58 -5.47 27.35
CA PHE B 16 -4.53 -4.19 28.03
C PHE B 16 -3.70 -3.17 27.26
N ALA B 17 -2.54 -3.56 26.73
CA ALA B 17 -1.69 -2.62 26.01
C ALA B 17 -1.79 -2.68 24.48
N GLU B 18 -2.95 -3.06 23.93
CA GLU B 18 -3.12 -3.10 22.46
C GLU B 18 -3.08 -1.72 21.80
N ASN B 19 -3.39 -0.66 22.57
CA ASN B 19 -3.35 0.73 22.11
C ASN B 19 -2.55 1.63 23.07
N LYS B 20 -2.13 1.04 24.22
CA LYS B 20 -1.34 1.69 25.25
C LYS B 20 0.15 1.43 25.04
N HIS B 21 0.98 2.33 25.59
CA HIS B 21 2.45 2.24 25.55
C HIS B 21 2.98 1.90 26.96
N GLU B 22 2.31 2.44 28.00
CA GLU B 22 2.62 2.23 29.42
C GLU B 22 1.37 1.79 30.20
N ILE B 23 1.57 1.04 31.29
CA ILE B 23 0.49 0.58 32.13
C ILE B 23 0.28 1.54 33.30
N LEU B 24 -0.93 2.13 33.33
CA LEU B 24 -1.42 3.03 34.38
C LEU B 24 -2.77 2.50 34.79
N LEU B 25 -2.91 2.19 36.10
CA LEU B 25 -4.10 1.64 36.71
C LEU B 25 -4.89 2.73 37.41
N GLY B 26 -6.11 2.92 36.94
CA GLY B 26 -7.01 3.96 37.42
C GLY B 26 -7.36 4.94 36.31
N GLU B 27 -8.39 5.74 36.51
CA GLU B 27 -8.79 6.70 35.49
C GLU B 27 -7.96 7.98 35.56
N CYS B 28 -7.68 8.59 34.39
CA CYS B 28 -6.90 9.82 34.26
C CYS B 28 -7.72 11.05 34.70
N GLU B 29 -7.24 11.71 35.75
CA GLU B 29 -7.88 12.87 36.37
C GLU B 29 -7.60 14.19 35.61
N SER B 30 -6.94 14.13 34.44
CA SER B 30 -6.60 15.31 33.64
C SER B 30 -7.81 15.89 32.91
N ASN B 31 -8.02 17.21 33.06
CA ASN B 31 -9.12 17.96 32.43
C ASN B 31 -8.84 18.20 30.93
N VAL B 32 -7.56 18.12 30.52
CA VAL B 32 -7.10 18.31 29.14
C VAL B 32 -7.06 17.00 28.36
N LYS B 33 -7.38 17.04 27.06
CA LYS B 33 -7.39 15.88 26.17
C LYS B 33 -5.98 15.58 25.63
N LEU B 34 -5.27 14.64 26.29
CA LEU B 34 -3.91 14.22 25.94
C LEU B 34 -3.73 12.71 26.12
N THR B 35 -2.90 12.08 25.25
CA THR B 35 -2.63 10.63 25.27
C THR B 35 -1.70 10.24 26.44
N SER B 36 -1.46 8.91 26.62
CA SER B 36 -0.60 8.33 27.67
C SER B 36 0.81 8.93 27.60
N THR B 37 1.46 8.84 26.41
CA THR B 37 2.80 9.34 26.13
C THR B 37 2.90 10.86 26.27
N GLN B 38 1.93 11.60 25.68
CA GLN B 38 1.85 13.07 25.73
C GLN B 38 1.88 13.62 27.15
N GLU B 39 1.09 13.00 28.05
CA GLU B 39 1.02 13.36 29.48
C GLU B 39 2.25 12.89 30.24
N HIS B 40 2.97 11.87 29.71
CA HIS B 40 4.20 11.38 30.33
C HIS B 40 5.37 12.29 29.99
N ILE B 41 5.35 12.90 28.77
CA ILE B 41 6.39 13.82 28.28
C ILE B 41 6.43 15.05 29.20
N LEU B 42 5.24 15.56 29.59
CA LEU B 42 5.09 16.70 30.49
C LEU B 42 5.62 16.39 31.89
N MET B 43 5.45 15.13 32.35
CA MET B 43 5.89 14.64 33.66
C MET B 43 7.43 14.68 33.79
N ILE B 44 8.16 14.13 32.80
CA ILE B 44 9.63 14.07 32.80
C ILE B 44 10.27 15.45 32.58
N LEU B 45 9.54 16.35 31.86
CA LEU B 45 9.99 17.71 31.59
C LEU B 45 9.82 18.64 32.80
N ALA B 46 8.91 18.28 33.72
CA ALA B 46 8.63 19.03 34.95
C ALA B 46 9.82 18.98 35.91
N ALA B 47 10.37 17.78 36.15
CA ALA B 47 11.49 17.57 37.05
C ALA B 47 12.81 18.09 36.46
N GLU B 48 13.10 17.72 35.20
CA GLU B 48 14.33 18.12 34.50
C GLU B 48 14.04 18.61 33.08
N VAL B 49 14.68 19.74 32.71
CA VAL B 49 14.56 20.32 31.36
C VAL B 49 15.33 19.44 30.37
N SER B 50 14.58 18.68 29.58
CA SER B 50 15.12 17.68 28.64
C SER B 50 15.19 18.15 27.18
N THR B 51 16.11 17.53 26.42
CA THR B 51 16.30 17.76 24.99
C THR B 51 15.42 16.77 24.21
N ASN B 52 15.27 16.98 22.89
CA ASN B 52 14.47 16.13 22.00
C ASN B 52 14.96 14.67 21.99
N ALA B 53 16.27 14.46 22.23
CA ALA B 53 16.93 13.16 22.25
C ALA B 53 16.67 12.37 23.54
N ARG B 54 16.75 13.03 24.72
CA ARG B 54 16.53 12.41 26.03
C ARG B 54 15.09 11.92 26.20
N ILE B 55 14.09 12.63 25.62
CA ILE B 55 12.66 12.26 25.66
C ILE B 55 12.47 10.87 25.04
N ALA B 56 13.13 10.60 23.89
CA ALA B 56 13.09 9.32 23.19
C ALA B 56 13.76 8.21 24.01
N GLU B 57 14.83 8.55 24.74
CA GLU B 57 15.60 7.65 25.60
C GLU B 57 14.79 7.25 26.85
N GLN B 58 14.14 8.24 27.50
CA GLN B 58 13.32 8.04 28.70
C GLN B 58 12.05 7.24 28.40
N LEU B 59 11.26 7.68 27.41
CA LEU B 59 10.00 7.05 27.00
C LEU B 59 10.18 5.72 26.28
N LYS B 60 11.40 5.44 25.77
CA LYS B 60 11.77 4.23 25.01
C LYS B 60 11.00 4.14 23.67
N ILE B 61 10.63 5.31 23.11
CA ILE B 61 9.90 5.46 21.85
C ILE B 61 10.81 6.11 20.78
N SER B 62 10.49 5.88 19.49
CA SER B 62 11.23 6.40 18.33
C SER B 62 11.21 7.94 18.24
N PRO B 63 12.35 8.60 17.88
CA PRO B 63 12.37 10.07 17.78
C PRO B 63 11.38 10.67 16.77
N ALA B 64 10.86 9.84 15.85
CA ALA B 64 9.86 10.23 14.85
C ALA B 64 8.51 10.43 15.56
N ALA B 65 8.19 9.54 16.53
CA ALA B 65 6.97 9.58 17.34
C ALA B 65 7.05 10.70 18.39
N VAL B 66 8.29 11.07 18.79
CA VAL B 66 8.59 12.13 19.76
C VAL B 66 8.21 13.49 19.16
N THR B 67 8.70 13.80 17.93
CA THR B 67 8.42 15.05 17.23
C THR B 67 6.91 15.17 16.89
N LYS B 68 6.25 14.02 16.62
CA LYS B 68 4.82 13.92 16.33
C LYS B 68 3.97 14.26 17.58
N ALA B 69 4.46 13.87 18.78
CA ALA B 69 3.80 14.11 20.06
C ALA B 69 4.13 15.50 20.63
N LEU B 70 5.36 16.00 20.38
CA LEU B 70 5.85 17.30 20.84
C LEU B 70 5.21 18.45 20.07
N LYS B 71 4.84 18.24 18.79
CA LYS B 71 4.20 19.25 17.96
C LYS B 71 2.76 19.51 18.40
N LYS B 72 2.04 18.45 18.85
CA LYS B 72 0.66 18.51 19.34
C LYS B 72 0.63 19.06 20.78
N LEU B 73 1.77 18.91 21.50
CA LEU B 73 1.97 19.37 22.88
C LEU B 73 2.24 20.88 22.93
N GLN B 74 3.09 21.39 22.00
CA GLN B 74 3.41 22.83 21.91
C GLN B 74 2.26 23.63 21.31
N GLU B 75 1.37 22.94 20.56
CA GLU B 75 0.17 23.50 19.92
C GLU B 75 -0.81 24.00 20.97
N GLN B 76 -0.95 23.25 22.08
CA GLN B 76 -1.86 23.57 23.19
C GLN B 76 -1.18 24.43 24.29
N GLU B 77 -0.07 25.13 23.94
CA GLU B 77 0.71 26.02 24.80
C GLU B 77 1.16 25.35 26.12
N LEU B 78 1.59 24.06 26.04
CA LEU B 78 2.05 23.27 27.19
C LEU B 78 3.58 23.27 27.33
N ILE B 79 4.30 23.21 26.20
CA ILE B 79 5.77 23.17 26.18
C ILE B 79 6.36 24.30 25.33
N LYS B 80 7.52 24.84 25.74
CA LYS B 80 8.22 25.93 25.04
C LYS B 80 9.65 25.55 24.62
N SER B 81 10.05 25.95 23.40
CA SER B 81 11.37 25.69 22.80
C SER B 81 12.47 26.55 23.41
N SER B 82 13.67 25.99 23.54
CA SER B 82 14.87 26.67 24.05
C SER B 82 16.12 26.15 23.34
N ARG B 83 17.08 27.04 23.09
CA ARG B 83 18.33 26.69 22.42
C ARG B 83 19.55 27.23 23.16
N ALA B 84 20.58 26.39 23.31
CA ALA B 84 21.81 26.70 24.02
C ALA B 84 22.69 27.74 23.31
N THR B 85 23.64 28.36 24.06
CA THR B 85 24.59 29.35 23.54
C THR B 85 25.56 28.72 22.51
N ASN B 86 25.82 27.41 22.64
CA ASN B 86 26.65 26.63 21.74
C ASN B 86 25.75 25.57 21.07
N ASP B 87 25.02 26.01 20.01
CA ASP B 87 24.08 25.19 19.25
C ASP B 87 24.76 24.17 18.35
N GLU B 88 24.42 22.90 18.55
CA GLU B 88 24.90 21.76 17.75
C GLU B 88 23.62 20.96 17.44
N ARG B 89 22.67 21.63 16.72
CA ARG B 89 21.31 21.18 16.34
C ARG B 89 20.48 20.77 17.61
N VAL B 90 20.86 21.35 18.77
CA VAL B 90 20.27 21.11 20.10
C VAL B 90 18.97 21.90 20.29
N VAL B 91 17.89 21.18 20.64
CA VAL B 91 16.56 21.77 20.92
C VAL B 91 16.08 21.34 22.31
N LEU B 92 16.32 22.21 23.30
CA LEU B 92 15.95 21.99 24.69
C LEU B 92 14.47 22.33 24.89
N TRP B 93 13.78 21.54 25.72
CA TRP B 93 12.36 21.74 26.00
C TRP B 93 12.09 22.10 27.45
N SER B 94 11.26 23.14 27.65
CA SER B 94 10.87 23.67 28.96
C SER B 94 9.35 23.55 29.15
N LEU B 95 8.92 23.42 30.40
CA LEU B 95 7.50 23.28 30.75
C LEU B 95 6.87 24.65 31.07
N THR B 96 5.66 24.90 30.55
CA THR B 96 4.92 26.15 30.80
C THR B 96 4.11 26.03 32.10
N GLU B 97 3.46 27.12 32.53
CA GLU B 97 2.65 27.15 33.75
C GLU B 97 1.31 26.41 33.56
N LYS B 98 0.84 26.29 32.30
CA LYS B 98 -0.39 25.59 31.94
C LYS B 98 -0.25 24.07 32.12
N ALA B 99 0.96 23.53 31.83
CA ALA B 99 1.28 22.11 31.90
C ALA B 99 1.63 21.59 33.29
N ILE B 100 2.01 22.47 34.24
CA ILE B 100 2.41 22.11 35.62
C ILE B 100 1.34 21.21 36.32
N PRO B 101 0.00 21.52 36.36
CA PRO B 101 -0.93 20.60 37.03
C PRO B 101 -1.12 19.25 36.33
N VAL B 102 -0.96 19.22 34.99
CA VAL B 102 -1.11 18.01 34.15
C VAL B 102 0.01 17.02 34.47
N ALA B 103 1.25 17.51 34.62
CA ALA B 103 2.44 16.72 34.97
C ALA B 103 2.31 16.21 36.40
N LYS B 104 1.68 16.99 37.28
CA LYS B 104 1.43 16.66 38.68
C LYS B 104 0.41 15.51 38.79
N GLU B 105 -0.64 15.53 37.92
CA GLU B 105 -1.68 14.49 37.87
C GLU B 105 -1.08 13.14 37.49
N HIS B 106 -0.31 13.12 36.38
CA HIS B 106 0.31 11.93 35.83
C HIS B 106 1.19 11.29 36.86
N ALA B 107 2.08 12.07 37.49
CA ALA B 107 2.99 11.63 38.55
C ALA B 107 2.22 11.02 39.73
N ALA B 108 0.97 11.48 39.96
CA ALA B 108 0.09 10.98 41.02
C ALA B 108 -0.69 9.74 40.55
N HIS B 109 -0.84 9.57 39.22
CA HIS B 109 -1.51 8.42 38.61
C HIS B 109 -0.52 7.23 38.56
N HIS B 110 0.78 7.54 38.49
CA HIS B 110 1.84 6.53 38.52
C HIS B 110 2.00 6.04 39.95
N GLU B 111 1.78 6.93 40.96
CA GLU B 111 1.88 6.57 42.37
C GLU B 111 0.63 5.82 42.80
N LYS B 112 -0.50 6.07 42.09
CA LYS B 112 -1.81 5.44 42.28
C LYS B 112 -1.70 3.98 41.81
N THR B 113 -0.92 3.76 40.73
CA THR B 113 -0.69 2.47 40.11
C THR B 113 0.24 1.62 40.94
N LEU B 114 1.29 2.23 41.51
CA LEU B 114 2.25 1.56 42.39
C LEU B 114 1.58 1.15 43.72
N SER B 115 0.73 2.02 44.26
CA SER B 115 -0.01 1.79 45.50
C SER B 115 -0.98 0.62 45.35
N THR B 116 -1.58 0.44 44.16
CA THR B 116 -2.47 -0.70 43.92
C THR B 116 -1.62 -1.99 43.89
N TYR B 117 -0.40 -1.94 43.29
CA TYR B 117 0.52 -3.08 43.25
C TYR B 117 1.01 -3.42 44.66
N GLN B 118 1.20 -2.39 45.50
CA GLN B 118 1.62 -2.52 46.89
C GLN B 118 0.56 -3.29 47.68
N GLU B 119 -0.73 -2.95 47.48
CA GLU B 119 -1.89 -3.59 48.12
C GLU B 119 -1.93 -5.09 47.83
N LEU B 120 -1.83 -5.48 46.54
CA LEU B 120 -1.85 -6.88 46.08
C LEU B 120 -0.73 -7.68 46.73
N GLY B 121 0.43 -7.06 46.89
CA GLY B 121 1.60 -7.67 47.50
C GLY B 121 1.42 -7.84 49.00
N ASP B 122 0.81 -6.81 49.66
CA ASP B 122 0.56 -6.77 51.10
C ASP B 122 -0.43 -7.84 51.59
N LYS B 123 -1.19 -8.47 50.67
CA LYS B 123 -2.14 -9.55 50.97
C LYS B 123 -1.40 -10.81 51.44
N PHE B 124 -0.13 -10.94 50.98
CA PHE B 124 0.79 -12.05 51.27
C PHE B 124 1.82 -11.65 52.34
N THR B 125 2.29 -12.63 53.14
CA THR B 125 3.30 -12.38 54.18
C THR B 125 4.67 -12.09 53.56
N ASP B 126 5.63 -11.60 54.37
CA ASP B 126 7.00 -11.27 53.94
C ASP B 126 7.70 -12.46 53.28
N GLU B 127 7.50 -13.68 53.82
CA GLU B 127 8.04 -14.93 53.31
C GLU B 127 7.34 -15.37 52.02
N GLU B 128 6.05 -15.01 51.87
CA GLU B 128 5.25 -15.30 50.69
C GLU B 128 5.61 -14.34 49.54
N GLN B 129 5.87 -13.05 49.85
CA GLN B 129 6.26 -12.01 48.89
C GLN B 129 7.62 -12.34 48.25
N LYS B 130 8.48 -13.08 48.98
CA LYS B 130 9.80 -13.55 48.57
C LYS B 130 9.62 -14.58 47.42
N VAL B 131 8.67 -15.54 47.58
CA VAL B 131 8.32 -16.59 46.61
C VAL B 131 7.84 -15.94 45.30
N ILE B 132 7.04 -14.86 45.41
CA ILE B 132 6.50 -14.07 44.30
C ILE B 132 7.66 -13.30 43.65
N SER B 133 8.51 -12.65 44.47
CA SER B 133 9.65 -11.86 44.02
C SER B 133 10.63 -12.71 43.22
N GLN B 134 10.92 -13.95 43.69
CA GLN B 134 11.81 -14.91 43.04
C GLN B 134 11.25 -15.33 41.68
N PHE B 135 9.92 -15.54 41.60
CA PHE B 135 9.20 -15.91 40.37
C PHE B 135 9.24 -14.79 39.33
N LEU B 136 8.85 -13.58 39.71
CA LEU B 136 8.83 -12.40 38.83
C LEU B 136 10.21 -12.03 38.34
N SER B 137 11.28 -12.43 39.07
CA SER B 137 12.67 -12.20 38.69
C SER B 137 13.03 -13.14 37.55
N VAL B 138 12.73 -14.44 37.70
CA VAL B 138 13.02 -15.47 36.70
C VAL B 138 12.17 -15.22 35.43
N LEU B 139 10.87 -14.91 35.61
CA LEU B 139 9.96 -14.66 34.50
C LEU B 139 10.32 -13.40 33.71
N THR B 140 10.65 -12.27 34.39
CA THR B 140 11.02 -11.01 33.74
C THR B 140 12.29 -11.13 32.88
N GLU B 141 13.16 -12.09 33.20
CA GLU B 141 14.40 -12.31 32.46
C GLU B 141 14.16 -12.93 31.08
N GLU B 142 13.01 -13.61 30.88
CA GLU B 142 12.67 -14.20 29.59
C GLU B 142 12.32 -13.10 28.56
N PHE B 143 11.84 -11.93 29.07
CA PHE B 143 11.46 -10.76 28.28
C PHE B 143 12.56 -9.68 28.25
N ARG B 144 13.83 -10.12 28.47
CA ARG B 144 15.02 -9.26 28.47
C ARG B 144 16.10 -9.82 27.53
N ALA C 1 -51.63 -3.39 -32.53
CA ALA C 1 -50.21 -3.06 -32.41
C ALA C 1 -49.98 -1.59 -32.03
N LEU C 2 -50.75 -0.66 -32.65
CA LEU C 2 -50.67 0.77 -32.35
C LEU C 2 -51.11 1.02 -30.88
N ARG C 3 -52.06 0.23 -30.35
CA ARG C 3 -52.49 0.36 -28.94
C ARG C 3 -51.34 0.09 -27.97
N ASN C 4 -50.50 -0.90 -28.28
CA ASN C 4 -49.33 -1.29 -27.49
C ASN C 4 -48.21 -0.28 -27.68
N GLN C 5 -48.09 0.31 -28.89
CA GLN C 5 -47.09 1.33 -29.16
C GLN C 5 -47.42 2.61 -28.41
N ILE C 6 -48.73 2.99 -28.33
CA ILE C 6 -49.18 4.19 -27.61
C ILE C 6 -48.88 4.00 -26.12
N GLU C 7 -49.13 2.79 -25.58
CA GLU C 7 -48.85 2.45 -24.18
C GLU C 7 -47.35 2.54 -23.89
N GLN C 8 -46.51 2.07 -24.85
CA GLN C 8 -45.05 2.10 -24.76
C GLN C 8 -44.53 3.54 -24.82
N PHE C 9 -45.04 4.33 -25.80
CA PHE C 9 -44.66 5.73 -26.03
C PHE C 9 -44.93 6.60 -24.83
N LEU C 10 -46.13 6.45 -24.22
CA LEU C 10 -46.53 7.21 -23.04
C LEU C 10 -45.71 6.79 -21.84
N GLY C 11 -45.31 5.52 -21.81
CA GLY C 11 -44.49 4.95 -20.75
C GLY C 11 -43.09 5.51 -20.73
N ALA C 12 -42.54 5.79 -21.94
CA ALA C 12 -41.21 6.39 -22.13
C ALA C 12 -41.19 7.83 -21.59
N ILE C 13 -42.31 8.58 -21.77
CA ILE C 13 -42.48 9.97 -21.28
C ILE C 13 -42.55 9.94 -19.74
N MET C 14 -43.28 8.93 -19.17
CA MET C 14 -43.42 8.73 -17.73
C MET C 14 -42.05 8.60 -17.05
N GLN C 15 -41.16 7.75 -17.61
CA GLN C 15 -39.81 7.55 -17.09
C GLN C 15 -38.99 8.83 -17.22
N PHE C 16 -39.09 9.51 -18.38
CA PHE C 16 -38.39 10.76 -18.68
C PHE C 16 -38.79 11.91 -17.74
N ALA C 17 -40.02 11.90 -17.20
CA ALA C 17 -40.57 12.94 -16.33
C ALA C 17 -40.54 12.67 -14.81
N GLU C 18 -40.06 11.50 -14.37
CA GLU C 18 -40.14 11.01 -12.99
C GLU C 18 -39.75 12.02 -11.92
N ASN C 19 -38.89 13.00 -12.25
CA ASN C 19 -38.55 14.05 -11.30
C ASN C 19 -38.65 15.47 -11.89
N LYS C 20 -38.91 15.56 -13.21
CA LYS C 20 -39.07 16.82 -13.95
C LYS C 20 -40.52 17.32 -13.93
N HIS C 21 -40.71 18.62 -14.12
CA HIS C 21 -42.02 19.27 -14.16
C HIS C 21 -42.41 19.59 -15.62
N GLU C 22 -41.40 19.93 -16.44
CA GLU C 22 -41.54 20.26 -17.87
C GLU C 22 -40.58 19.46 -18.72
N ILE C 23 -40.90 19.24 -19.99
CA ILE C 23 -40.02 18.51 -20.90
C ILE C 23 -39.14 19.47 -21.68
N LEU C 24 -37.81 19.32 -21.53
CA LEU C 24 -36.81 20.12 -22.22
C LEU C 24 -35.76 19.20 -22.82
N LEU C 25 -35.72 19.13 -24.15
CA LEU C 25 -34.77 18.29 -24.87
C LEU C 25 -33.48 19.08 -25.07
N GLY C 26 -32.37 18.46 -24.67
CA GLY C 26 -31.05 19.08 -24.74
C GLY C 26 -30.52 19.42 -23.36
N GLU C 27 -29.19 19.56 -23.25
CA GLU C 27 -28.52 19.86 -21.98
C GLU C 27 -28.70 21.31 -21.56
N CYS C 28 -28.75 21.54 -20.23
CA CYS C 28 -28.91 22.85 -19.60
C CYS C 28 -27.60 23.64 -19.63
N GLU C 29 -27.55 24.73 -20.41
CA GLU C 29 -26.34 25.55 -20.55
C GLU C 29 -26.22 26.61 -19.44
N SER C 30 -27.16 26.62 -18.48
CA SER C 30 -27.18 27.57 -17.36
C SER C 30 -25.99 27.40 -16.45
N ASN C 31 -25.39 28.55 -16.14
CA ASN C 31 -24.20 28.71 -15.31
C ASN C 31 -24.41 28.41 -13.82
N VAL C 32 -25.50 28.94 -13.23
CA VAL C 32 -25.86 28.73 -11.82
C VAL C 32 -26.73 27.48 -11.64
N LYS C 33 -26.57 26.79 -10.50
CA LYS C 33 -27.34 25.59 -10.16
C LYS C 33 -28.78 25.97 -9.79
N LEU C 34 -29.71 25.76 -10.75
CA LEU C 34 -31.13 26.01 -10.61
C LEU C 34 -31.96 24.91 -11.28
N THR C 35 -33.12 24.58 -10.68
CA THR C 35 -34.04 23.55 -11.19
C THR C 35 -34.81 24.01 -12.44
N SER C 36 -35.62 23.09 -13.04
CA SER C 36 -36.43 23.33 -14.23
C SER C 36 -37.36 24.52 -14.02
N THR C 37 -38.17 24.48 -12.93
CA THR C 37 -39.14 25.52 -12.56
C THR C 37 -38.47 26.84 -12.22
N GLN C 38 -37.40 26.79 -11.39
CA GLN C 38 -36.64 27.96 -10.94
C GLN C 38 -36.14 28.82 -12.10
N GLU C 39 -35.57 28.17 -13.14
CA GLU C 39 -35.07 28.82 -14.36
C GLU C 39 -36.23 29.41 -15.17
N HIS C 40 -37.40 28.71 -15.17
CA HIS C 40 -38.58 29.12 -15.92
C HIS C 40 -39.24 30.33 -15.28
N ILE C 41 -39.17 30.45 -13.94
CA ILE C 41 -39.73 31.59 -13.20
C ILE C 41 -39.00 32.86 -13.66
N LEU C 42 -37.67 32.77 -13.83
CA LEU C 42 -36.82 33.88 -14.30
C LEU C 42 -37.17 34.28 -15.73
N MET C 43 -37.53 33.29 -16.57
CA MET C 43 -37.89 33.49 -17.98
C MET C 43 -39.17 34.33 -18.15
N ILE C 44 -40.25 33.98 -17.41
CA ILE C 44 -41.54 34.69 -17.46
C ILE C 44 -41.46 36.07 -16.80
N LEU C 45 -40.55 36.24 -15.82
CA LEU C 45 -40.34 37.51 -15.12
C LEU C 45 -39.53 38.51 -15.95
N ALA C 46 -38.74 38.01 -16.91
CA ALA C 46 -37.91 38.81 -17.82
C ALA C 46 -38.76 39.65 -18.77
N ALA C 47 -39.76 39.00 -19.42
CA ALA C 47 -40.68 39.64 -20.37
C ALA C 47 -41.67 40.55 -19.67
N GLU C 48 -42.34 40.06 -18.61
CA GLU C 48 -43.33 40.82 -17.85
C GLU C 48 -43.13 40.71 -16.34
N VAL C 49 -43.19 41.86 -15.62
CA VAL C 49 -43.07 41.90 -14.16
C VAL C 49 -44.33 41.32 -13.53
N SER C 50 -44.20 40.09 -13.00
CA SER C 50 -45.29 39.31 -12.45
C SER C 50 -45.39 39.33 -10.92
N THR C 51 -46.62 39.09 -10.42
CA THR C 51 -46.93 38.99 -8.99
C THR C 51 -46.80 37.53 -8.57
N ASN C 52 -46.81 37.26 -7.25
CA ASN C 52 -46.70 35.91 -6.67
C ASN C 52 -47.81 34.96 -7.16
N ALA C 53 -48.98 35.52 -7.49
CA ALA C 53 -50.17 34.81 -7.96
C ALA C 53 -50.08 34.39 -9.42
N ARG C 54 -49.61 35.29 -10.32
CA ARG C 54 -49.48 35.02 -11.76
C ARG C 54 -48.44 33.94 -12.06
N ILE C 55 -47.36 33.84 -11.25
CA ILE C 55 -46.30 32.83 -11.39
C ILE C 55 -46.92 31.42 -11.25
N ALA C 56 -47.83 31.23 -10.26
CA ALA C 56 -48.54 29.98 -10.02
C ALA C 56 -49.50 29.64 -11.17
N GLU C 57 -50.11 30.67 -11.77
CA GLU C 57 -51.04 30.57 -12.89
C GLU C 57 -50.32 30.16 -14.18
N GLN C 58 -49.15 30.79 -14.46
CA GLN C 58 -48.33 30.54 -15.64
C GLN C 58 -47.69 29.15 -15.60
N LEU C 59 -46.98 28.84 -14.50
CA LEU C 59 -46.28 27.57 -14.30
C LEU C 59 -47.22 26.38 -14.05
N LYS C 60 -48.49 26.64 -13.70
CA LYS C 60 -49.53 25.66 -13.37
C LYS C 60 -49.15 24.81 -12.13
N ILE C 61 -48.38 25.43 -11.20
CA ILE C 61 -47.92 24.83 -9.96
C ILE C 61 -48.58 25.54 -8.75
N SER C 62 -48.66 24.83 -7.61
CA SER C 62 -49.27 25.32 -6.36
C SER C 62 -48.54 26.54 -5.77
N PRO C 63 -49.28 27.57 -5.26
CA PRO C 63 -48.62 28.75 -4.66
C PRO C 63 -47.66 28.45 -3.50
N ALA C 64 -47.79 27.26 -2.89
CA ALA C 64 -46.93 26.78 -1.80
C ALA C 64 -45.54 26.45 -2.38
N ALA C 65 -45.51 25.84 -3.57
CA ALA C 65 -44.29 25.47 -4.30
C ALA C 65 -43.63 26.71 -4.91
N VAL C 66 -44.44 27.75 -5.19
CA VAL C 66 -44.01 29.04 -5.76
C VAL C 66 -43.14 29.79 -4.74
N THR C 67 -43.65 29.95 -3.50
CA THR C 67 -42.94 30.62 -2.40
C THR C 67 -41.66 29.85 -2.01
N LYS C 68 -41.69 28.51 -2.14
CA LYS C 68 -40.56 27.61 -1.86
C LYS C 68 -39.43 27.80 -2.90
N ALA C 69 -39.82 28.06 -4.17
CA ALA C 69 -38.89 28.27 -5.28
C ALA C 69 -38.41 29.73 -5.37
N LEU C 70 -39.28 30.69 -4.99
CA LEU C 70 -39.00 32.13 -4.99
C LEU C 70 -38.04 32.54 -3.88
N LYS C 71 -38.07 31.82 -2.73
CA LYS C 71 -37.19 32.09 -1.59
C LYS C 71 -35.74 31.69 -1.90
N LYS C 72 -35.55 30.58 -2.66
CA LYS C 72 -34.24 30.06 -3.08
C LYS C 72 -33.70 30.89 -4.25
N LEU C 73 -34.60 31.54 -5.00
CA LEU C 73 -34.30 32.40 -6.15
C LEU C 73 -33.81 33.77 -5.70
N GLN C 74 -34.47 34.38 -4.68
CA GLN C 74 -34.09 35.68 -4.14
C GLN C 74 -32.83 35.58 -3.27
N GLU C 75 -32.52 34.36 -2.77
CA GLU C 75 -31.35 34.03 -1.95
C GLU C 75 -30.06 34.24 -2.76
N GLN C 76 -30.09 33.85 -4.05
CA GLN C 76 -28.96 33.98 -4.97
C GLN C 76 -28.93 35.32 -5.74
N GLU C 77 -29.63 36.35 -5.20
CA GLU C 77 -29.74 37.72 -5.75
C GLU C 77 -30.18 37.75 -7.22
N LEU C 78 -31.17 36.90 -7.58
CA LEU C 78 -31.71 36.80 -8.94
C LEU C 78 -33.01 37.60 -9.11
N ILE C 79 -33.87 37.61 -8.08
CA ILE C 79 -35.16 38.33 -8.10
C ILE C 79 -35.28 39.32 -6.94
N LYS C 80 -35.93 40.47 -7.19
CA LYS C 80 -36.14 41.54 -6.19
C LYS C 80 -37.62 41.85 -5.95
N SER C 81 -37.98 42.06 -4.67
CA SER C 81 -39.36 42.37 -4.24
C SER C 81 -39.77 43.82 -4.55
N SER C 82 -41.05 44.01 -4.88
CA SER C 82 -41.66 45.32 -5.18
C SER C 82 -43.11 45.34 -4.68
N ARG C 83 -43.58 46.50 -4.17
CA ARG C 83 -44.94 46.63 -3.64
C ARG C 83 -45.66 47.86 -4.17
N ALA C 84 -46.95 47.71 -4.52
CA ALA C 84 -47.81 48.78 -5.06
C ALA C 84 -48.17 49.87 -4.04
N THR C 85 -48.59 51.06 -4.54
CA THR C 85 -48.99 52.21 -3.71
C THR C 85 -50.25 51.90 -2.88
N ASN C 86 -51.12 50.99 -3.39
CA ASN C 86 -52.33 50.54 -2.72
C ASN C 86 -52.17 49.03 -2.47
N ASP C 87 -51.47 48.69 -1.38
CA ASP C 87 -51.16 47.33 -0.96
C ASP C 87 -52.38 46.56 -0.45
N GLU C 88 -52.68 45.43 -1.11
CA GLU C 88 -53.75 44.50 -0.77
C GLU C 88 -53.08 43.12 -0.83
N ARG C 89 -52.09 42.91 0.09
CA ARG C 89 -51.21 41.73 0.23
C ARG C 89 -50.41 41.45 -1.08
N VAL C 90 -50.26 42.49 -1.94
CA VAL C 90 -49.60 42.43 -3.23
C VAL C 90 -48.07 42.42 -3.11
N VAL C 91 -47.43 41.44 -3.77
CA VAL C 91 -45.97 41.31 -3.83
C VAL C 91 -45.54 41.09 -5.27
N LEU C 92 -45.16 42.19 -5.93
CA LEU C 92 -44.69 42.19 -7.32
C LEU C 92 -43.22 41.78 -7.36
N TRP C 93 -42.85 41.00 -8.40
CA TRP C 93 -41.48 40.51 -8.57
C TRP C 93 -40.81 41.04 -9.81
N SER C 94 -39.58 41.53 -9.63
CA SER C 94 -38.76 42.11 -10.69
C SER C 94 -37.49 41.28 -10.86
N LEU C 95 -36.94 41.29 -12.09
CA LEU C 95 -35.73 40.55 -12.42
C LEU C 95 -34.49 41.44 -12.26
N THR C 96 -33.42 40.89 -11.66
CA THR C 96 -32.15 41.59 -11.45
C THR C 96 -31.27 41.44 -12.69
N GLU C 97 -30.11 42.14 -12.72
CA GLU C 97 -29.17 42.09 -13.84
C GLU C 97 -28.42 40.76 -13.90
N LYS C 98 -28.31 40.06 -12.73
CA LYS C 98 -27.64 38.76 -12.59
C LYS C 98 -28.44 37.64 -13.27
N ALA C 99 -29.79 37.74 -13.21
CA ALA C 99 -30.72 36.76 -13.75
C ALA C 99 -31.02 36.90 -15.24
N ILE C 100 -30.77 38.08 -15.84
CA ILE C 100 -31.01 38.37 -17.26
C ILE C 100 -30.40 37.29 -18.21
N PRO C 101 -29.10 36.88 -18.12
CA PRO C 101 -28.60 35.85 -19.05
C PRO C 101 -29.20 34.44 -18.84
N VAL C 102 -29.59 34.12 -17.59
CA VAL C 102 -30.18 32.83 -17.19
C VAL C 102 -31.57 32.67 -17.84
N ALA C 103 -32.37 33.74 -17.84
CA ALA C 103 -33.70 33.80 -18.44
C ALA C 103 -33.60 33.73 -19.96
N LYS C 104 -32.51 34.31 -20.53
CA LYS C 104 -32.21 34.28 -21.96
C LYS C 104 -31.89 32.86 -22.40
N GLU C 105 -31.18 32.08 -21.54
CA GLU C 105 -30.80 30.70 -21.79
C GLU C 105 -32.02 29.78 -21.79
N HIS C 106 -32.92 29.97 -20.81
CA HIS C 106 -34.13 29.14 -20.70
C HIS C 106 -35.04 29.32 -21.89
N ALA C 107 -35.20 30.59 -22.34
CA ALA C 107 -36.01 30.96 -23.51
C ALA C 107 -35.42 30.34 -24.77
N ALA C 108 -34.08 30.20 -24.79
CA ALA C 108 -33.34 29.58 -25.90
C ALA C 108 -33.48 28.06 -25.84
N HIS C 109 -33.50 27.47 -24.61
CA HIS C 109 -33.65 26.02 -24.39
C HIS C 109 -35.05 25.56 -24.77
N HIS C 110 -36.05 26.45 -24.60
CA HIS C 110 -37.44 26.18 -24.97
C HIS C 110 -37.61 26.20 -26.48
N GLU C 111 -36.93 27.15 -27.17
CA GLU C 111 -36.98 27.26 -28.62
C GLU C 111 -36.16 26.15 -29.28
N LYS C 112 -35.15 25.62 -28.54
CA LYS C 112 -34.27 24.52 -28.93
C LYS C 112 -35.11 23.23 -28.99
N THR C 113 -35.96 23.04 -27.95
CA THR C 113 -36.88 21.94 -27.79
C THR C 113 -37.94 21.94 -28.88
N LEU C 114 -38.58 23.09 -29.13
CA LEU C 114 -39.59 23.25 -30.17
C LEU C 114 -39.01 22.96 -31.56
N SER C 115 -37.79 23.43 -31.81
CA SER C 115 -37.08 23.22 -33.08
C SER C 115 -36.80 21.76 -33.34
N THR C 116 -36.52 20.97 -32.28
CA THR C 116 -36.32 19.53 -32.45
C THR C 116 -37.65 18.88 -32.81
N TYR C 117 -38.79 19.35 -32.20
CA TYR C 117 -40.15 18.84 -32.50
C TYR C 117 -40.53 19.20 -33.93
N GLN C 118 -40.08 20.39 -34.40
CA GLN C 118 -40.32 20.89 -35.76
C GLN C 118 -39.64 19.95 -36.77
N GLU C 119 -38.40 19.52 -36.49
CA GLU C 119 -37.60 18.61 -37.32
C GLU C 119 -38.32 17.26 -37.52
N LEU C 120 -38.78 16.64 -36.41
CA LEU C 120 -39.49 15.36 -36.42
C LEU C 120 -40.78 15.43 -37.24
N GLY C 121 -41.45 16.56 -37.18
CA GLY C 121 -42.68 16.83 -37.94
C GLY C 121 -42.39 17.02 -39.40
N ASP C 122 -41.28 17.73 -39.73
CA ASP C 122 -40.83 18.03 -41.09
C ASP C 122 -40.40 16.79 -41.91
N LYS C 123 -40.20 15.63 -41.24
CA LYS C 123 -39.88 14.35 -41.88
C LYS C 123 -41.10 13.86 -42.69
N PHE C 124 -42.32 14.27 -42.28
CA PHE C 124 -43.60 13.92 -42.90
C PHE C 124 -44.13 15.06 -43.79
N THR C 125 -44.91 14.72 -44.84
CA THR C 125 -45.50 15.71 -45.75
C THR C 125 -46.63 16.48 -45.06
N ASP C 126 -47.11 17.59 -45.67
CA ASP C 126 -48.18 18.44 -45.15
C ASP C 126 -49.47 17.65 -44.87
N GLU C 127 -49.80 16.70 -45.76
CA GLU C 127 -50.98 15.82 -45.63
C GLU C 127 -50.77 14.78 -44.54
N GLU C 128 -49.51 14.36 -44.32
CA GLU C 128 -49.13 13.40 -43.29
C GLU C 128 -49.14 14.05 -41.90
N GLN C 129 -48.67 15.32 -41.80
CA GLN C 129 -48.63 16.10 -40.55
C GLN C 129 -50.07 16.35 -40.01
N LYS C 130 -51.06 16.39 -40.93
CA LYS C 130 -52.48 16.57 -40.64
C LYS C 130 -53.00 15.33 -39.89
N VAL C 131 -52.64 14.11 -40.37
CA VAL C 131 -53.01 12.81 -39.77
C VAL C 131 -52.45 12.71 -38.33
N ILE C 132 -51.24 13.22 -38.14
CA ILE C 132 -50.55 13.26 -36.84
C ILE C 132 -51.26 14.29 -35.95
N SER C 133 -51.55 15.50 -36.50
CA SER C 133 -52.24 16.57 -35.80
C SER C 133 -53.62 16.15 -35.25
N GLN C 134 -54.45 15.45 -36.03
CA GLN C 134 -55.79 15.02 -35.58
C GLN C 134 -55.66 13.96 -34.50
N PHE C 135 -54.62 13.08 -34.61
CA PHE C 135 -54.34 12.03 -33.62
C PHE C 135 -53.96 12.63 -32.26
N LEU C 136 -52.96 13.53 -32.27
CA LEU C 136 -52.46 14.20 -31.07
C LEU C 136 -53.54 15.04 -30.43
N SER C 137 -54.55 15.44 -31.23
CA SER C 137 -55.70 16.21 -30.77
C SER C 137 -56.60 15.32 -29.94
N VAL C 138 -56.98 14.14 -30.47
CA VAL C 138 -57.83 13.15 -29.78
C VAL C 138 -57.11 12.58 -28.54
N LEU C 139 -55.83 12.25 -28.66
CA LEU C 139 -55.04 11.69 -27.55
C LEU C 139 -54.82 12.69 -26.41
N THR C 140 -54.51 13.97 -26.73
CA THR C 140 -54.28 15.01 -25.71
C THR C 140 -55.55 15.29 -24.87
N GLU C 141 -56.75 15.02 -25.43
CA GLU C 141 -57.99 15.24 -24.72
C GLU C 141 -58.22 14.24 -23.58
N GLU C 142 -57.59 13.07 -23.64
CA GLU C 142 -57.72 12.07 -22.58
C GLU C 142 -56.97 12.53 -21.30
N PHE C 143 -55.95 13.37 -21.48
CA PHE C 143 -55.12 13.93 -20.40
C PHE C 143 -55.57 15.35 -20.00
N ARG C 144 -56.85 15.69 -20.29
CA ARG C 144 -57.45 17.00 -19.98
C ARG C 144 -58.74 16.86 -19.17
N ALA D 1 -46.94 24.99 -36.64
CA ALA D 1 -48.11 24.68 -35.83
C ALA D 1 -47.99 23.33 -35.15
N LEU D 2 -47.52 22.27 -35.89
CA LEU D 2 -47.31 20.93 -35.34
C LEU D 2 -46.29 20.93 -34.21
N ARG D 3 -45.23 21.79 -34.31
CA ARG D 3 -44.21 21.91 -33.26
C ARG D 3 -44.82 22.37 -31.93
N ASN D 4 -45.76 23.32 -32.00
CA ASN D 4 -46.47 23.88 -30.85
C ASN D 4 -47.51 22.87 -30.33
N GLN D 5 -48.11 22.07 -31.23
CA GLN D 5 -49.07 21.04 -30.84
C GLN D 5 -48.36 19.90 -30.12
N ILE D 6 -47.13 19.52 -30.56
CA ILE D 6 -46.33 18.47 -29.92
C ILE D 6 -45.94 18.96 -28.50
N GLU D 7 -45.55 20.24 -28.37
CA GLU D 7 -45.19 20.86 -27.09
C GLU D 7 -46.40 20.87 -26.15
N GLN D 8 -47.59 21.16 -26.69
CA GLN D 8 -48.86 21.18 -25.96
C GLN D 8 -49.23 19.78 -25.50
N PHE D 9 -49.17 18.79 -26.42
CA PHE D 9 -49.52 17.39 -26.17
C PHE D 9 -48.67 16.78 -25.06
N LEU D 10 -47.35 17.01 -25.11
CA LEU D 10 -46.43 16.51 -24.09
C LEU D 10 -46.66 17.21 -22.76
N GLY D 11 -47.10 18.48 -22.83
CA GLY D 11 -47.39 19.30 -21.68
C GLY D 11 -48.61 18.80 -20.91
N ALA D 12 -49.62 18.33 -21.67
CA ALA D 12 -50.87 17.78 -21.12
C ALA D 12 -50.58 16.51 -20.34
N ILE D 13 -49.60 15.69 -20.80
CA ILE D 13 -49.15 14.46 -20.14
C ILE D 13 -48.43 14.85 -18.84
N MET D 14 -47.59 15.92 -18.88
CA MET D 14 -46.86 16.44 -17.73
C MET D 14 -47.78 16.80 -16.57
N GLN D 15 -48.86 17.54 -16.86
CA GLN D 15 -49.86 17.92 -15.87
C GLN D 15 -50.59 16.69 -15.35
N PHE D 16 -50.95 15.76 -16.25
CA PHE D 16 -51.66 14.51 -15.94
C PHE D 16 -50.85 13.59 -15.04
N ALA D 17 -49.51 13.68 -15.10
CA ALA D 17 -48.66 12.79 -14.31
C ALA D 17 -47.88 13.45 -13.15
N GLU D 18 -48.29 14.66 -12.72
CA GLU D 18 -47.62 15.44 -11.68
C GLU D 18 -47.48 14.72 -10.34
N ASN D 19 -48.36 13.73 -10.07
CA ASN D 19 -48.29 12.94 -8.84
C ASN D 19 -48.36 11.41 -9.10
N LYS D 20 -48.73 11.02 -10.34
CA LYS D 20 -48.87 9.62 -10.77
C LYS D 20 -47.56 9.04 -11.28
N HIS D 21 -47.42 7.70 -11.23
CA HIS D 21 -46.25 6.97 -11.71
C HIS D 21 -46.51 6.34 -13.07
N GLU D 22 -47.77 5.88 -13.30
CA GLU D 22 -48.26 5.26 -14.53
C GLU D 22 -49.52 5.95 -15.05
N ILE D 23 -49.73 5.86 -16.37
CA ILE D 23 -50.91 6.43 -17.01
C ILE D 23 -52.00 5.36 -17.13
N LEU D 24 -53.14 5.60 -16.46
CA LEU D 24 -54.31 4.76 -16.55
C LEU D 24 -55.46 5.68 -16.85
N LEU D 25 -56.13 5.41 -17.96
CA LEU D 25 -57.27 6.21 -18.37
C LEU D 25 -58.52 5.54 -17.84
N GLY D 26 -59.30 6.32 -17.09
CA GLY D 26 -60.49 5.84 -16.42
C GLY D 26 -60.28 5.79 -14.92
N GLU D 27 -61.38 5.86 -14.16
CA GLU D 27 -61.33 5.83 -12.70
C GLU D 27 -61.14 4.40 -12.17
N CYS D 28 -60.48 4.30 -11.01
CA CYS D 28 -60.21 3.02 -10.35
C CYS D 28 -61.50 2.47 -9.72
N GLU D 29 -61.92 1.27 -10.16
CA GLU D 29 -63.13 0.59 -9.67
C GLU D 29 -62.87 -0.32 -8.44
N SER D 30 -61.68 -0.21 -7.82
CA SER D 30 -61.32 -0.99 -6.64
C SER D 30 -62.00 -0.43 -5.39
N ASN D 31 -62.61 -1.33 -4.60
CA ASN D 31 -63.31 -1.04 -3.34
C ASN D 31 -62.34 -0.71 -2.20
N VAL D 32 -61.06 -1.16 -2.33
CA VAL D 32 -59.99 -0.93 -1.36
C VAL D 32 -59.17 0.33 -1.70
N LYS D 33 -58.74 1.07 -0.67
CA LYS D 33 -57.96 2.31 -0.83
C LYS D 33 -56.47 2.01 -1.01
N LEU D 34 -56.01 1.98 -2.28
CA LEU D 34 -54.62 1.70 -2.66
C LEU D 34 -54.16 2.60 -3.81
N THR D 35 -52.86 2.96 -3.82
CA THR D 35 -52.26 3.82 -4.85
C THR D 35 -52.05 3.08 -6.17
N SER D 36 -51.58 3.82 -7.23
CA SER D 36 -51.30 3.31 -8.58
C SER D 36 -50.33 2.12 -8.50
N THR D 37 -49.15 2.34 -7.88
CA THR D 37 -48.08 1.36 -7.71
C THR D 37 -48.50 0.18 -6.86
N GLN D 38 -49.14 0.45 -5.70
CA GLN D 38 -49.62 -0.57 -4.76
C GLN D 38 -50.52 -1.62 -5.41
N GLU D 39 -51.46 -1.16 -6.25
CA GLU D 39 -52.37 -2.05 -6.97
C GLU D 39 -51.60 -2.81 -8.04
N HIS D 40 -50.63 -2.13 -8.69
CA HIS D 40 -49.80 -2.72 -9.73
C HIS D 40 -48.84 -3.80 -9.22
N ILE D 41 -48.46 -3.73 -7.94
CA ILE D 41 -47.63 -4.73 -7.29
C ILE D 41 -48.44 -6.03 -7.15
N LEU D 42 -49.74 -5.90 -6.80
CA LEU D 42 -50.66 -7.03 -6.64
C LEU D 42 -50.90 -7.73 -7.97
N MET D 43 -50.92 -6.95 -9.06
CA MET D 43 -51.15 -7.42 -10.42
C MET D 43 -50.03 -8.37 -10.90
N ILE D 44 -48.75 -7.93 -10.77
CA ILE D 44 -47.57 -8.69 -11.19
C ILE D 44 -47.34 -9.91 -10.29
N LEU D 45 -47.78 -9.83 -9.02
CA LEU D 45 -47.65 -10.92 -8.04
C LEU D 45 -48.70 -12.02 -8.27
N ALA D 46 -49.83 -11.67 -8.92
CA ALA D 46 -50.93 -12.59 -9.23
C ALA D 46 -50.50 -13.63 -10.27
N ALA D 47 -49.85 -13.18 -11.36
CA ALA D 47 -49.38 -14.05 -12.44
C ALA D 47 -48.18 -14.88 -12.02
N GLU D 48 -47.15 -14.22 -11.44
CA GLU D 48 -45.91 -14.87 -11.01
C GLU D 48 -45.49 -14.44 -9.60
N VAL D 49 -45.10 -15.42 -8.76
CA VAL D 49 -44.62 -15.17 -7.39
C VAL D 49 -43.23 -14.54 -7.46
N SER D 50 -43.18 -13.23 -7.18
CA SER D 50 -41.97 -12.42 -7.29
C SER D 50 -41.26 -12.15 -5.98
N THR D 51 -39.93 -11.87 -6.07
CA THR D 51 -39.06 -11.52 -4.95
C THR D 51 -39.05 -9.99 -4.80
N ASN D 52 -38.53 -9.46 -3.69
CA ASN D 52 -38.44 -8.03 -3.40
C ASN D 52 -37.65 -7.25 -4.47
N ALA D 53 -36.68 -7.93 -5.12
CA ALA D 53 -35.81 -7.38 -6.15
C ALA D 53 -36.48 -7.25 -7.52
N ARG D 54 -37.25 -8.28 -7.94
CA ARG D 54 -37.96 -8.30 -9.23
C ARG D 54 -39.07 -7.22 -9.29
N ILE D 55 -39.73 -6.93 -8.14
CA ILE D 55 -40.79 -5.91 -8.04
C ILE D 55 -40.22 -4.54 -8.45
N ALA D 56 -39.00 -4.21 -7.98
CA ALA D 56 -38.29 -2.96 -8.30
C ALA D 56 -37.90 -2.90 -9.77
N GLU D 57 -37.55 -4.05 -10.36
CA GLU D 57 -37.15 -4.22 -11.76
C GLU D 57 -38.37 -4.04 -12.69
N GLN D 58 -39.52 -4.67 -12.35
CA GLN D 58 -40.76 -4.61 -13.12
C GLN D 58 -41.38 -3.22 -13.08
N LEU D 59 -41.59 -2.67 -11.88
CA LEU D 59 -42.19 -1.35 -11.66
C LEU D 59 -41.30 -0.17 -12.06
N LYS D 60 -39.98 -0.42 -12.21
CA LYS D 60 -38.95 0.57 -12.55
C LYS D 60 -38.82 1.67 -11.46
N ILE D 61 -39.11 1.28 -10.19
CA ILE D 61 -39.03 2.13 -9.00
C ILE D 61 -37.92 1.65 -8.05
N SER D 62 -37.40 2.55 -7.20
CA SER D 62 -36.32 2.29 -6.23
C SER D 62 -36.70 1.25 -5.17
N PRO D 63 -35.78 0.32 -4.79
CA PRO D 63 -36.11 -0.69 -3.76
C PRO D 63 -36.52 -0.13 -2.40
N ALA D 64 -36.19 1.14 -2.14
CA ALA D 64 -36.56 1.86 -0.92
C ALA D 64 -38.06 2.15 -0.92
N ALA D 65 -38.60 2.54 -2.11
CA ALA D 65 -40.02 2.81 -2.34
C ALA D 65 -40.84 1.52 -2.38
N VAL D 66 -40.17 0.39 -2.75
CA VAL D 66 -40.75 -0.96 -2.84
C VAL D 66 -41.11 -1.44 -1.44
N THR D 67 -40.14 -1.40 -0.50
CA THR D 67 -40.32 -1.81 0.90
C THR D 67 -41.37 -0.92 1.61
N LYS D 68 -41.44 0.37 1.24
CA LYS D 68 -42.39 1.36 1.77
C LYS D 68 -43.82 1.02 1.31
N ALA D 69 -43.98 0.52 0.07
CA ALA D 69 -45.27 0.13 -0.53
C ALA D 69 -45.70 -1.30 -0.13
N LEU D 70 -44.72 -2.20 0.04
CA LEU D 70 -44.95 -3.59 0.42
C LEU D 70 -45.36 -3.73 1.90
N LYS D 71 -44.88 -2.81 2.77
CA LYS D 71 -45.23 -2.82 4.18
C LYS D 71 -46.68 -2.40 4.41
N LYS D 72 -47.19 -1.45 3.58
CA LYS D 72 -48.57 -0.94 3.61
C LYS D 72 -49.53 -1.95 2.97
N LEU D 73 -48.99 -2.79 2.06
CA LEU D 73 -49.71 -3.84 1.34
C LEU D 73 -49.93 -5.07 2.21
N GLN D 74 -48.89 -5.50 2.97
CA GLN D 74 -48.98 -6.65 3.89
C GLN D 74 -49.78 -6.31 5.15
N GLU D 75 -49.89 -5.00 5.47
CA GLU D 75 -50.63 -4.45 6.60
C GLU D 75 -52.12 -4.73 6.44
N GLN D 76 -52.64 -4.61 5.19
CA GLN D 76 -54.04 -4.84 4.85
C GLN D 76 -54.34 -6.29 4.45
N GLU D 77 -53.47 -7.25 4.87
CA GLU D 77 -53.56 -8.70 4.63
C GLU D 77 -53.75 -9.06 3.14
N LEU D 78 -53.01 -8.36 2.25
CA LEU D 78 -53.07 -8.56 0.79
C LEU D 78 -51.94 -9.45 0.29
N ILE D 79 -50.72 -9.30 0.85
CA ILE D 79 -49.54 -10.09 0.46
C ILE D 79 -48.92 -10.83 1.64
N LYS D 80 -48.38 -12.04 1.39
CA LYS D 80 -47.74 -12.89 2.41
C LYS D 80 -46.28 -13.23 2.08
N SER D 81 -45.41 -13.19 3.11
CA SER D 81 -43.98 -13.46 3.02
C SER D 81 -43.68 -14.95 2.87
N SER D 82 -42.61 -15.26 2.13
CA SER D 82 -42.12 -16.62 1.91
C SER D 82 -40.61 -16.58 1.76
N ARG D 83 -39.91 -17.64 2.23
CA ARG D 83 -38.45 -17.72 2.16
C ARG D 83 -37.98 -19.10 1.74
N ALA D 84 -37.07 -19.16 0.75
CA ALA D 84 -36.50 -20.37 0.17
C ALA D 84 -35.62 -21.16 1.13
N THR D 85 -35.32 -22.45 0.80
CA THR D 85 -34.46 -23.33 1.61
C THR D 85 -33.02 -22.79 1.66
N ASN D 86 -32.60 -22.12 0.57
CA ASN D 86 -31.32 -21.43 0.46
C ASN D 86 -31.69 -19.95 0.50
N ASP D 87 -31.62 -19.36 1.71
CA ASP D 87 -31.95 -17.96 1.92
C ASP D 87 -30.72 -17.08 1.88
N GLU D 88 -30.55 -16.36 0.78
CA GLU D 88 -29.43 -15.42 0.61
C GLU D 88 -30.03 -14.04 0.87
N ARG D 89 -30.65 -13.87 2.07
CA ARG D 89 -31.40 -12.71 2.58
C ARG D 89 -32.56 -12.32 1.59
N VAL D 90 -33.04 -13.34 0.85
CA VAL D 90 -34.09 -13.29 -0.18
C VAL D 90 -35.50 -13.44 0.42
N VAL D 91 -36.42 -12.54 0.01
CA VAL D 91 -37.82 -12.55 0.47
C VAL D 91 -38.79 -12.71 -0.71
N LEU D 92 -39.38 -13.91 -0.85
CA LEU D 92 -40.36 -14.19 -1.90
C LEU D 92 -41.73 -13.72 -1.45
N TRP D 93 -42.52 -13.14 -2.37
CA TRP D 93 -43.85 -12.62 -2.08
C TRP D 93 -44.95 -13.37 -2.80
N SER D 94 -46.00 -13.74 -2.05
CA SER D 94 -47.16 -14.46 -2.56
C SER D 94 -48.43 -13.63 -2.36
N LEU D 95 -49.44 -13.86 -3.22
CA LEU D 95 -50.71 -13.15 -3.16
C LEU D 95 -51.75 -13.92 -2.33
N THR D 96 -52.48 -13.20 -1.47
CA THR D 96 -53.54 -13.78 -0.62
C THR D 96 -54.87 -13.83 -1.39
N GLU D 97 -55.91 -14.45 -0.79
CA GLU D 97 -57.23 -14.57 -1.40
C GLU D 97 -57.98 -13.23 -1.42
N LYS D 98 -57.64 -12.31 -0.50
CA LYS D 98 -58.23 -10.97 -0.37
C LYS D 98 -57.80 -10.07 -1.54
N ALA D 99 -56.54 -10.22 -2.00
CA ALA D 99 -55.94 -9.43 -3.08
C ALA D 99 -56.28 -9.88 -4.49
N ILE D 100 -56.74 -11.15 -4.67
CA ILE D 100 -57.09 -11.74 -5.97
C ILE D 100 -58.07 -10.83 -6.80
N PRO D 101 -59.23 -10.33 -6.27
CA PRO D 101 -60.09 -9.47 -7.12
C PRO D 101 -59.49 -8.10 -7.44
N VAL D 102 -58.62 -7.56 -6.56
CA VAL D 102 -57.96 -6.25 -6.72
C VAL D 102 -56.98 -6.31 -7.89
N ALA D 103 -56.20 -7.41 -7.99
CA ALA D 103 -55.25 -7.66 -9.06
C ALA D 103 -55.98 -7.86 -10.38
N LYS D 104 -57.17 -8.48 -10.33
CA LYS D 104 -58.03 -8.73 -11.48
C LYS D 104 -58.60 -7.42 -12.03
N GLU D 105 -58.98 -6.49 -11.12
CA GLU D 105 -59.53 -5.17 -11.44
C GLU D 105 -58.49 -4.35 -12.17
N HIS D 106 -57.29 -4.26 -11.57
CA HIS D 106 -56.17 -3.50 -12.10
C HIS D 106 -55.81 -3.98 -13.49
N ALA D 107 -55.84 -5.33 -13.69
CA ALA D 107 -55.58 -5.99 -14.97
C ALA D 107 -56.56 -5.46 -16.00
N ALA D 108 -57.86 -5.45 -15.64
CA ALA D 108 -58.92 -4.95 -16.49
C ALA D 108 -58.76 -3.44 -16.72
N HIS D 109 -58.28 -2.69 -15.72
CA HIS D 109 -58.09 -1.25 -15.86
C HIS D 109 -57.04 -0.95 -16.91
N HIS D 110 -55.98 -1.78 -16.97
CA HIS D 110 -54.91 -1.67 -17.94
C HIS D 110 -55.42 -1.99 -19.34
N GLU D 111 -56.34 -2.98 -19.46
CA GLU D 111 -56.92 -3.37 -20.74
C GLU D 111 -57.95 -2.34 -21.21
N LYS D 112 -58.53 -1.61 -20.26
CA LYS D 112 -59.49 -0.54 -20.48
C LYS D 112 -58.74 0.64 -21.12
N THR D 113 -57.52 0.92 -20.63
CA THR D 113 -56.60 1.99 -21.08
C THR D 113 -56.09 1.70 -22.50
N LEU D 114 -55.70 0.44 -22.79
CA LEU D 114 -55.23 0.01 -24.11
C LEU D 114 -56.35 0.08 -25.13
N SER D 115 -57.59 -0.32 -24.73
CA SER D 115 -58.78 -0.29 -25.57
C SER D 115 -59.15 1.13 -25.97
N THR D 116 -58.94 2.11 -25.07
CA THR D 116 -59.19 3.50 -25.42
C THR D 116 -58.15 3.96 -26.45
N TYR D 117 -56.85 3.52 -26.33
CA TYR D 117 -55.77 3.84 -27.29
C TYR D 117 -56.06 3.17 -28.63
N GLN D 118 -56.68 1.98 -28.61
CA GLN D 118 -57.06 1.22 -29.79
C GLN D 118 -58.13 2.00 -30.58
N GLU D 119 -59.14 2.56 -29.87
CA GLU D 119 -60.22 3.36 -30.44
C GLU D 119 -59.71 4.58 -31.20
N LEU D 120 -58.84 5.40 -30.57
CA LEU D 120 -58.25 6.60 -31.16
C LEU D 120 -57.50 6.26 -32.44
N GLY D 121 -56.79 5.13 -32.43
CA GLY D 121 -56.04 4.63 -33.57
C GLY D 121 -56.93 4.17 -34.70
N ASP D 122 -58.04 3.48 -34.34
CA ASP D 122 -59.01 2.91 -35.28
C ASP D 122 -59.79 3.96 -36.09
N LYS D 123 -59.73 5.26 -35.69
CA LYS D 123 -60.38 6.37 -36.42
C LYS D 123 -59.69 6.60 -37.76
N PHE D 124 -58.39 6.26 -37.80
CA PHE D 124 -57.50 6.43 -38.94
C PHE D 124 -57.35 5.12 -39.70
N THR D 125 -57.13 5.21 -41.05
CA THR D 125 -56.94 4.04 -41.90
C THR D 125 -55.60 3.37 -41.64
N ASP D 126 -55.39 2.14 -42.17
CA ASP D 126 -54.14 1.39 -42.00
C ASP D 126 -52.92 2.17 -42.45
N GLU D 127 -53.03 2.92 -43.57
CA GLU D 127 -51.98 3.74 -44.12
C GLU D 127 -51.73 4.98 -43.27
N GLU D 128 -52.78 5.48 -42.60
CA GLU D 128 -52.71 6.65 -41.72
C GLU D 128 -52.07 6.27 -40.36
N GLN D 129 -52.40 5.07 -39.82
CA GLN D 129 -51.87 4.53 -38.58
C GLN D 129 -50.35 4.31 -38.66
N LYS D 130 -49.85 4.04 -39.89
CA LYS D 130 -48.43 3.83 -40.22
C LYS D 130 -47.67 5.15 -40.03
N VAL D 131 -48.23 6.28 -40.55
CA VAL D 131 -47.67 7.64 -40.45
C VAL D 131 -47.56 8.05 -38.97
N ILE D 132 -48.58 7.69 -38.19
CA ILE D 132 -48.66 7.94 -36.75
C ILE D 132 -47.58 7.10 -36.06
N SER D 133 -47.55 5.78 -36.35
CA SER D 133 -46.60 4.80 -35.81
C SER D 133 -45.16 5.19 -36.04
N GLN D 134 -44.83 5.66 -37.26
CA GLN D 134 -43.50 6.14 -37.64
C GLN D 134 -43.13 7.40 -36.84
N PHE D 135 -44.10 8.32 -36.61
CA PHE D 135 -43.95 9.55 -35.81
C PHE D 135 -43.62 9.23 -34.34
N LEU D 136 -44.44 8.39 -33.72
CA LEU D 136 -44.25 8.04 -32.31
C LEU D 136 -42.95 7.32 -32.06
N SER D 137 -42.44 6.60 -33.08
CA SER D 137 -41.17 5.88 -33.03
C SER D 137 -40.04 6.89 -32.96
N VAL D 138 -40.03 7.89 -33.85
CA VAL D 138 -38.99 8.94 -33.89
C VAL D 138 -39.08 9.81 -32.64
N LEU D 139 -40.28 10.24 -32.26
CA LEU D 139 -40.49 11.07 -31.08
C LEU D 139 -40.04 10.35 -29.78
N THR D 140 -40.51 9.07 -29.54
CA THR D 140 -40.19 8.29 -28.33
C THR D 140 -38.69 8.12 -28.11
N GLU D 141 -37.89 8.17 -29.19
CA GLU D 141 -36.46 8.02 -29.12
C GLU D 141 -35.78 9.23 -28.50
N GLU D 142 -36.41 10.41 -28.54
CA GLU D 142 -35.85 11.63 -27.94
C GLU D 142 -35.89 11.54 -26.39
N PHE D 143 -36.84 10.74 -25.85
CA PHE D 143 -37.02 10.51 -24.42
C PHE D 143 -36.38 9.19 -23.95
N ARG D 144 -35.37 8.71 -24.70
CA ARG D 144 -34.63 7.47 -24.42
C ARG D 144 -33.12 7.71 -24.39
N ALA E 1 18.29 24.00 -7.79
CA ALA E 1 17.96 23.70 -9.17
C ALA E 1 17.89 22.18 -9.44
N LEU E 2 18.89 21.42 -8.93
CA LEU E 2 19.01 19.97 -9.06
C LEU E 2 17.90 19.26 -8.29
N ARG E 3 17.48 19.84 -7.14
CA ARG E 3 16.39 19.31 -6.32
C ARG E 3 15.06 19.30 -7.08
N ASN E 4 14.85 20.33 -7.93
CA ASN E 4 13.67 20.51 -8.79
C ASN E 4 13.74 19.56 -9.99
N GLN E 5 14.96 19.23 -10.46
CA GLN E 5 15.21 18.34 -11.59
C GLN E 5 15.02 16.86 -11.19
N ILE E 6 15.45 16.49 -9.97
CA ILE E 6 15.30 15.13 -9.42
C ILE E 6 13.80 14.83 -9.23
N GLU E 7 13.03 15.84 -8.74
CA GLU E 7 11.59 15.75 -8.55
C GLU E 7 10.86 15.57 -9.90
N GLN E 8 11.34 16.29 -10.94
CA GLN E 8 10.83 16.23 -12.31
C GLN E 8 11.11 14.85 -12.93
N PHE E 9 12.38 14.39 -12.82
CA PHE E 9 12.85 13.11 -13.34
C PHE E 9 12.07 11.93 -12.78
N LEU E 10 11.86 11.91 -11.45
CA LEU E 10 11.11 10.84 -10.77
C LEU E 10 9.62 10.87 -11.17
N GLY E 11 9.10 12.07 -11.42
CA GLY E 11 7.72 12.30 -11.86
C GLY E 11 7.46 11.77 -13.25
N ALA E 12 8.48 11.80 -14.14
CA ALA E 12 8.41 11.29 -15.51
C ALA E 12 8.34 9.75 -15.52
N ILE E 13 9.03 9.10 -14.54
CA ILE E 13 9.04 7.65 -14.36
C ILE E 13 7.65 7.21 -13.88
N MET E 14 7.03 8.03 -12.97
CA MET E 14 5.70 7.81 -12.41
C MET E 14 4.66 7.67 -13.50
N GLN E 15 4.65 8.62 -14.47
CA GLN E 15 3.73 8.62 -15.61
C GLN E 15 3.99 7.41 -16.50
N PHE E 16 5.28 7.11 -16.77
CA PHE E 16 5.74 6.00 -17.60
C PHE E 16 5.33 4.62 -17.05
N ALA E 17 5.25 4.47 -15.72
CA ALA E 17 4.89 3.19 -15.10
C ALA E 17 3.58 3.23 -14.30
N GLU E 18 2.57 3.94 -14.84
CA GLU E 18 1.24 4.03 -14.22
C GLU E 18 0.45 2.70 -14.29
N ASN E 19 0.78 1.81 -15.25
CA ASN E 19 0.13 0.51 -15.40
C ASN E 19 1.13 -0.65 -15.57
N LYS E 20 2.42 -0.32 -15.80
CA LYS E 20 3.50 -1.28 -16.00
C LYS E 20 4.11 -1.76 -14.67
N HIS E 21 4.75 -2.94 -14.68
CA HIS E 21 5.44 -3.54 -13.54
C HIS E 21 6.97 -3.33 -13.64
N GLU E 22 7.51 -3.37 -14.88
CA GLU E 22 8.93 -3.17 -15.16
C GLU E 22 9.17 -2.17 -16.29
N ILE E 23 10.36 -1.52 -16.29
CA ILE E 23 10.75 -0.56 -17.33
C ILE E 23 11.51 -1.28 -18.44
N LEU E 24 10.89 -1.36 -19.63
CA LEU E 24 11.45 -1.99 -20.82
C LEU E 24 11.35 -1.00 -21.98
N LEU E 25 12.48 -0.34 -22.32
CA LEU E 25 12.56 0.66 -23.38
C LEU E 25 12.29 0.07 -24.76
N GLY E 26 11.51 0.81 -25.54
CA GLY E 26 11.10 0.40 -26.88
C GLY E 26 9.82 -0.40 -26.85
N GLU E 27 9.27 -0.65 -28.04
CA GLU E 27 8.03 -1.41 -28.21
C GLU E 27 8.26 -2.92 -28.23
N CYS E 28 7.26 -3.69 -27.80
CA CYS E 28 7.32 -5.15 -27.76
C CYS E 28 7.13 -5.70 -29.17
N GLU E 29 8.13 -6.46 -29.66
CA GLU E 29 8.15 -7.04 -31.00
C GLU E 29 7.46 -8.43 -31.09
N SER E 30 6.79 -8.86 -30.01
CA SER E 30 6.08 -10.14 -29.96
C SER E 30 4.77 -10.10 -30.71
N ASN E 31 4.56 -11.10 -31.58
CA ASN E 31 3.34 -11.25 -32.41
C ASN E 31 2.14 -11.71 -31.57
N VAL E 32 2.40 -12.34 -30.40
CA VAL E 32 1.39 -12.84 -29.46
C VAL E 32 0.99 -11.79 -28.42
N LYS E 33 -0.30 -11.76 -28.06
CA LYS E 33 -0.87 -10.81 -27.09
C LYS E 33 -0.64 -11.30 -25.65
N LEU E 34 0.42 -10.79 -25.01
CA LEU E 34 0.80 -11.14 -23.63
C LEU E 34 1.27 -9.91 -22.85
N THR E 35 0.99 -9.87 -21.53
CA THR E 35 1.36 -8.77 -20.64
C THR E 35 2.85 -8.75 -20.27
N SER E 36 3.27 -7.72 -19.49
CA SER E 36 4.62 -7.48 -18.99
C SER E 36 5.16 -8.67 -18.19
N THR E 37 4.38 -9.15 -17.21
CA THR E 37 4.73 -10.29 -16.35
C THR E 37 4.67 -11.63 -17.09
N GLN E 38 3.64 -11.84 -17.96
CA GLN E 38 3.41 -13.07 -18.75
C GLN E 38 4.58 -13.45 -19.64
N GLU E 39 5.21 -12.46 -20.29
CA GLU E 39 6.37 -12.72 -21.14
C GLU E 39 7.65 -12.89 -20.32
N HIS E 40 7.67 -12.37 -19.08
CA HIS E 40 8.81 -12.51 -18.17
C HIS E 40 8.83 -13.90 -17.50
N ILE E 41 7.68 -14.61 -17.51
CA ILE E 41 7.53 -15.97 -16.96
C ILE E 41 8.16 -16.97 -17.94
N LEU E 42 7.90 -16.78 -19.25
CA LEU E 42 8.42 -17.62 -20.34
C LEU E 42 9.94 -17.53 -20.48
N MET E 43 10.48 -16.30 -20.38
CA MET E 43 11.91 -15.97 -20.48
C MET E 43 12.74 -16.77 -19.46
N ILE E 44 12.33 -16.75 -18.16
CA ILE E 44 13.00 -17.44 -17.06
C ILE E 44 12.81 -18.97 -17.11
N LEU E 45 11.70 -19.43 -17.73
CA LEU E 45 11.39 -20.85 -17.90
C LEU E 45 12.19 -21.48 -19.03
N ALA E 46 12.66 -20.64 -19.99
CA ALA E 46 13.45 -21.06 -21.15
C ALA E 46 14.84 -21.56 -20.72
N ALA E 47 15.53 -20.78 -19.87
CA ALA E 47 16.87 -21.10 -19.37
C ALA E 47 16.84 -22.25 -18.37
N GLU E 48 15.95 -22.17 -17.36
CA GLU E 48 15.81 -23.18 -16.30
C GLU E 48 14.35 -23.57 -16.06
N VAL E 49 14.07 -24.89 -15.96
CA VAL E 49 12.74 -25.42 -15.66
C VAL E 49 12.41 -25.12 -14.18
N SER E 50 11.51 -24.14 -13.99
CA SER E 50 11.12 -23.62 -12.69
C SER E 50 9.79 -24.16 -12.15
N THR E 51 9.66 -24.14 -10.81
CA THR E 51 8.46 -24.55 -10.07
C THR E 51 7.57 -23.31 -9.88
N ASN E 52 6.31 -23.51 -9.45
CA ASN E 52 5.34 -22.44 -9.21
C ASN E 52 5.83 -21.42 -8.17
N ALA E 53 6.67 -21.87 -7.22
CA ALA E 53 7.25 -21.07 -6.14
C ALA E 53 8.40 -20.16 -6.60
N ARG E 54 9.33 -20.70 -7.42
CA ARG E 54 10.48 -19.95 -7.92
C ARG E 54 10.08 -18.79 -8.85
N ILE E 55 8.98 -18.96 -9.63
CA ILE E 55 8.45 -17.92 -10.54
C ILE E 55 8.08 -16.66 -9.73
N ALA E 56 7.43 -16.85 -8.55
CA ALA E 56 7.05 -15.77 -7.65
C ALA E 56 8.27 -15.08 -7.05
N GLU E 57 9.33 -15.87 -6.77
CA GLU E 57 10.60 -15.41 -6.19
C GLU E 57 11.40 -14.57 -7.21
N GLN E 58 11.48 -15.05 -8.47
CA GLN E 58 12.19 -14.39 -9.58
C GLN E 58 11.50 -13.10 -10.01
N LEU E 59 10.19 -13.18 -10.28
CA LEU E 59 9.39 -12.03 -10.73
C LEU E 59 9.15 -10.99 -9.64
N LYS E 60 9.25 -11.40 -8.35
CA LYS E 60 9.01 -10.58 -7.15
C LYS E 60 7.51 -10.19 -7.03
N ILE E 61 6.63 -11.08 -7.56
CA ILE E 61 5.16 -10.92 -7.56
C ILE E 61 4.53 -12.01 -6.68
N SER E 62 3.32 -11.74 -6.15
CA SER E 62 2.56 -12.63 -5.27
C SER E 62 2.18 -13.97 -5.93
N PRO E 63 2.28 -15.14 -5.22
CA PRO E 63 1.90 -16.43 -5.83
C PRO E 63 0.46 -16.53 -6.33
N ALA E 64 -0.42 -15.61 -5.87
CA ALA E 64 -1.82 -15.51 -6.30
C ALA E 64 -1.87 -14.97 -7.74
N ALA E 65 -1.02 -13.97 -8.04
CA ALA E 65 -0.87 -13.35 -9.36
C ALA E 65 -0.14 -14.29 -10.33
N VAL E 66 0.70 -15.20 -9.79
CA VAL E 66 1.47 -16.20 -10.54
C VAL E 66 0.52 -17.21 -11.15
N THR E 67 -0.37 -17.81 -10.34
CA THR E 67 -1.36 -18.80 -10.78
C THR E 67 -2.36 -18.17 -11.78
N LYS E 68 -2.68 -16.88 -11.60
CA LYS E 68 -3.57 -16.09 -12.46
C LYS E 68 -2.95 -15.88 -13.85
N ALA E 69 -1.61 -15.67 -13.89
CA ALA E 69 -0.84 -15.46 -15.12
C ALA E 69 -0.45 -16.77 -15.80
N LEU E 70 -0.20 -17.84 -15.01
CA LEU E 70 0.18 -19.17 -15.48
C LEU E 70 -0.99 -19.90 -16.13
N LYS E 71 -2.23 -19.63 -15.67
CA LYS E 71 -3.44 -20.25 -16.22
C LYS E 71 -3.77 -19.71 -17.62
N LYS E 72 -3.50 -18.40 -17.85
CA LYS E 72 -3.70 -17.75 -19.15
C LYS E 72 -2.58 -18.15 -20.11
N LEU E 73 -1.38 -18.44 -19.56
CA LEU E 73 -0.18 -18.84 -20.30
C LEU E 73 -0.29 -20.27 -20.82
N GLN E 74 -0.81 -21.20 -20.01
CA GLN E 74 -1.01 -22.60 -20.41
C GLN E 74 -2.21 -22.76 -21.35
N GLU E 75 -3.14 -21.77 -21.32
CA GLU E 75 -4.35 -21.68 -22.14
C GLU E 75 -3.96 -21.53 -23.62
N GLN E 76 -2.92 -20.73 -23.90
CA GLN E 76 -2.41 -20.46 -25.25
C GLN E 76 -1.32 -21.45 -25.69
N GLU E 77 -1.27 -22.65 -25.05
CA GLU E 77 -0.31 -23.74 -25.31
C GLU E 77 1.16 -23.30 -25.29
N LEU E 78 1.53 -22.43 -24.33
CA LEU E 78 2.88 -21.90 -24.18
C LEU E 78 3.70 -22.65 -23.12
N ILE E 79 3.05 -23.05 -22.01
CA ILE E 79 3.71 -23.78 -20.91
C ILE E 79 3.01 -25.11 -20.61
N LYS E 80 3.80 -26.15 -20.23
CA LYS E 80 3.30 -27.48 -19.90
C LYS E 80 3.66 -27.92 -18.47
N SER E 81 2.70 -28.58 -17.78
CA SER E 81 2.85 -29.06 -16.40
C SER E 81 3.72 -30.32 -16.31
N SER E 82 4.47 -30.45 -15.21
CA SER E 82 5.35 -31.59 -14.90
C SER E 82 5.39 -31.83 -13.39
N ARG E 83 5.46 -33.10 -12.97
CA ARG E 83 5.49 -33.46 -11.55
C ARG E 83 6.61 -34.44 -11.21
N ALA E 84 7.31 -34.19 -10.08
CA ALA E 84 8.44 -34.99 -9.59
C ALA E 84 8.04 -36.38 -9.09
N THR E 85 9.03 -37.29 -9.00
CA THR E 85 8.84 -38.67 -8.53
C THR E 85 8.43 -38.70 -7.04
N ASN E 86 8.85 -37.68 -6.27
CA ASN E 86 8.51 -37.52 -4.85
C ASN E 86 7.67 -36.23 -4.73
N ASP E 87 6.37 -36.35 -5.02
CA ASP E 87 5.38 -35.26 -5.00
C ASP E 87 5.03 -34.79 -3.59
N GLU E 88 5.25 -33.50 -3.34
CA GLU E 88 4.91 -32.80 -2.08
C GLU E 88 4.20 -31.51 -2.53
N ARG E 89 3.08 -31.70 -3.30
CA ARG E 89 2.25 -30.70 -3.98
C ARG E 89 3.10 -29.81 -4.93
N VAL E 90 4.21 -30.39 -5.43
CA VAL E 90 5.19 -29.77 -6.33
C VAL E 90 4.69 -29.80 -7.80
N VAL E 91 4.66 -28.61 -8.43
CA VAL E 91 4.24 -28.45 -9.82
C VAL E 91 5.34 -27.73 -10.62
N LEU E 92 6.14 -28.53 -11.34
CA LEU E 92 7.23 -28.04 -12.18
C LEU E 92 6.68 -27.58 -13.52
N TRP E 93 7.24 -26.49 -14.07
CA TRP E 93 6.81 -25.93 -15.34
C TRP E 93 7.88 -26.00 -16.42
N SER E 94 7.49 -26.46 -17.61
CA SER E 94 8.34 -26.61 -18.78
C SER E 94 7.84 -25.72 -19.92
N LEU E 95 8.77 -25.29 -20.79
CA LEU E 95 8.44 -24.43 -21.93
C LEU E 95 8.18 -25.25 -23.19
N THR E 96 7.13 -24.89 -23.95
CA THR E 96 6.76 -25.57 -25.19
C THR E 96 7.54 -24.94 -26.37
N GLU E 97 7.41 -25.53 -27.57
CA GLU E 97 8.09 -25.05 -28.77
C GLU E 97 7.49 -23.75 -29.30
N LYS E 98 6.21 -23.48 -28.97
CA LYS E 98 5.47 -22.28 -29.36
C LYS E 98 5.98 -21.04 -28.62
N ALA E 99 6.38 -21.21 -27.35
CA ALA E 99 6.86 -20.15 -26.46
C ALA E 99 8.33 -19.77 -26.63
N ILE E 100 9.16 -20.67 -27.24
CA ILE E 100 10.60 -20.47 -27.46
C ILE E 100 10.91 -19.10 -28.14
N PRO E 101 10.28 -18.67 -29.28
CA PRO E 101 10.63 -17.35 -29.84
C PRO E 101 10.20 -16.15 -29.01
N VAL E 102 9.10 -16.29 -28.23
CA VAL E 102 8.54 -15.25 -27.36
C VAL E 102 9.50 -14.95 -26.21
N ALA E 103 10.07 -16.02 -25.61
CA ALA E 103 11.05 -15.96 -24.52
C ALA E 103 12.35 -15.32 -25.03
N LYS E 104 12.71 -15.61 -26.30
CA LYS E 104 13.89 -15.09 -26.98
C LYS E 104 13.74 -13.58 -27.24
N GLU E 105 12.52 -13.13 -27.57
CA GLU E 105 12.21 -11.72 -27.84
C GLU E 105 12.29 -10.90 -26.56
N HIS E 106 11.68 -11.40 -25.47
CA HIS E 106 11.64 -10.71 -24.18
C HIS E 106 13.05 -10.43 -23.66
N ALA E 107 13.95 -11.43 -23.73
CA ALA E 107 15.36 -11.33 -23.31
C ALA E 107 16.13 -10.35 -24.20
N ALA E 108 15.81 -10.32 -25.52
CA ALA E 108 16.42 -9.40 -26.48
C ALA E 108 15.94 -7.98 -26.18
N HIS E 109 14.65 -7.83 -25.78
CA HIS E 109 14.04 -6.56 -25.41
C HIS E 109 14.62 -6.12 -24.05
N HIS E 110 15.10 -7.09 -23.25
CA HIS E 110 15.73 -6.85 -21.96
C HIS E 110 17.17 -6.37 -22.15
N GLU E 111 17.89 -6.94 -23.13
CA GLU E 111 19.27 -6.56 -23.43
C GLU E 111 19.35 -5.28 -24.26
N LYS E 112 18.24 -4.89 -24.93
CA LYS E 112 18.12 -3.67 -25.72
C LYS E 112 18.03 -2.44 -24.79
N THR E 113 17.25 -2.57 -23.69
CA THR E 113 17.04 -1.54 -22.66
C THR E 113 18.34 -1.24 -21.89
N LEU E 114 19.08 -2.30 -21.51
CA LEU E 114 20.37 -2.18 -20.82
C LEU E 114 21.42 -1.51 -21.71
N SER E 115 21.44 -1.88 -23.01
CA SER E 115 22.34 -1.33 -24.01
C SER E 115 22.09 0.15 -24.22
N THR E 116 20.82 0.60 -24.13
CA THR E 116 20.51 2.03 -24.26
C THR E 116 21.04 2.76 -23.01
N TYR E 117 20.94 2.15 -21.80
CA TYR E 117 21.46 2.71 -20.55
C TYR E 117 23.00 2.78 -20.61
N GLN E 118 23.63 1.78 -21.25
CA GLN E 118 25.07 1.69 -21.44
C GLN E 118 25.55 2.86 -22.29
N GLU E 119 24.82 3.17 -23.38
CA GLU E 119 25.11 4.28 -24.31
C GLU E 119 25.14 5.62 -23.59
N LEU E 120 24.08 5.92 -22.79
CA LEU E 120 23.95 7.16 -22.01
C LEU E 120 25.11 7.35 -21.04
N GLY E 121 25.55 6.24 -20.45
CA GLY E 121 26.67 6.22 -19.52
C GLY E 121 27.99 6.44 -20.21
N ASP E 122 28.16 5.82 -21.40
CA ASP E 122 29.37 5.90 -22.24
C ASP E 122 29.66 7.31 -22.79
N LYS E 123 28.68 8.23 -22.74
CA LYS E 123 28.80 9.63 -23.17
C LYS E 123 29.76 10.38 -22.23
N PHE E 124 29.85 9.91 -20.96
CA PHE E 124 30.68 10.47 -19.88
C PHE E 124 31.95 9.64 -19.68
N THR E 125 33.04 10.29 -19.21
CA THR E 125 34.32 9.63 -18.94
C THR E 125 34.22 8.73 -17.71
N ASP E 126 35.23 7.86 -17.48
CA ASP E 126 35.30 6.94 -16.35
C ASP E 126 35.17 7.66 -14.99
N GLU E 127 35.82 8.84 -14.87
CA GLU E 127 35.78 9.68 -13.67
C GLU E 127 34.41 10.37 -13.51
N GLU E 128 33.72 10.64 -14.64
CA GLU E 128 32.39 11.25 -14.66
C GLU E 128 31.32 10.22 -14.30
N GLN E 129 31.47 8.96 -14.78
CA GLN E 129 30.57 7.84 -14.50
C GLN E 129 30.56 7.48 -13.01
N LYS E 130 31.68 7.76 -12.31
CA LYS E 130 31.88 7.56 -10.87
C LYS E 130 30.96 8.52 -10.09
N VAL E 131 30.92 9.80 -10.50
CA VAL E 131 30.08 10.86 -9.92
C VAL E 131 28.59 10.49 -10.04
N ILE E 132 28.20 9.91 -11.19
CA ILE E 132 26.85 9.44 -11.50
C ILE E 132 26.56 8.20 -10.63
N SER E 133 27.50 7.23 -10.58
CA SER E 133 27.41 5.99 -9.81
C SER E 133 27.20 6.27 -8.32
N GLN E 134 27.96 7.22 -7.75
CA GLN E 134 27.87 7.64 -6.34
C GLN E 134 26.49 8.24 -6.03
N PHE E 135 25.97 9.08 -6.96
CA PHE E 135 24.67 9.75 -6.87
C PHE E 135 23.51 8.73 -6.88
N LEU E 136 23.51 7.81 -7.87
CA LEU E 136 22.48 6.77 -8.03
C LEU E 136 22.47 5.79 -6.88
N SER E 137 23.61 5.62 -6.17
CA SER E 137 23.75 4.76 -4.99
C SER E 137 23.02 5.38 -3.81
N VAL E 138 23.26 6.67 -3.55
CA VAL E 138 22.62 7.43 -2.46
C VAL E 138 21.11 7.57 -2.71
N LEU E 139 20.71 7.92 -3.94
CA LEU E 139 19.32 8.11 -4.34
C LEU E 139 18.50 6.82 -4.33
N THR E 140 19.09 5.67 -4.77
CA THR E 140 18.38 4.37 -4.78
C THR E 140 18.10 3.85 -3.37
N GLU E 141 18.90 4.26 -2.37
CA GLU E 141 18.74 3.84 -0.99
C GLU E 141 17.50 4.46 -0.32
N GLU E 142 17.00 5.60 -0.84
CA GLU E 142 15.80 6.26 -0.33
C GLU E 142 14.55 5.43 -0.67
N PHE E 143 14.61 4.66 -1.78
CA PHE E 143 13.55 3.80 -2.28
C PHE E 143 13.73 2.32 -1.86
N ARG E 144 14.50 2.08 -0.77
CA ARG E 144 14.79 0.75 -0.22
C ARG E 144 14.44 0.67 1.26
N ALA F 1 28.79 -1.82 -15.91
CA ALA F 1 28.35 -1.81 -14.52
C ALA F 1 27.30 -0.73 -14.28
N LEU F 2 27.50 0.48 -14.85
CA LEU F 2 26.57 1.60 -14.72
C LEU F 2 25.21 1.26 -15.35
N ARG F 3 25.20 0.48 -16.46
CA ARG F 3 23.97 0.04 -17.12
C ARG F 3 23.10 -0.81 -16.20
N ASN F 4 23.74 -1.68 -15.41
CA ASN F 4 23.08 -2.56 -14.44
C ASN F 4 22.64 -1.77 -13.22
N GLN F 5 23.43 -0.72 -12.83
CA GLN F 5 23.09 0.14 -11.70
C GLN F 5 21.89 1.02 -12.03
N ILE F 6 21.78 1.51 -13.29
CA ILE F 6 20.65 2.31 -13.76
C ILE F 6 19.39 1.44 -13.75
N GLU F 7 19.50 0.17 -14.21
CA GLU F 7 18.40 -0.80 -14.21
C GLU F 7 17.92 -1.09 -12.77
N GLN F 8 18.88 -1.22 -11.83
CA GLN F 8 18.64 -1.46 -10.41
C GLN F 8 17.94 -0.25 -9.78
N PHE F 9 18.49 0.97 -10.01
CA PHE F 9 17.97 2.24 -9.49
C PHE F 9 16.54 2.49 -9.91
N LEU F 10 16.22 2.29 -11.20
CA LEU F 10 14.87 2.48 -11.75
C LEU F 10 13.89 1.41 -11.26
N GLY F 11 14.42 0.23 -10.91
CA GLY F 11 13.65 -0.89 -10.37
C GLY F 11 13.21 -0.68 -8.94
N ALA F 12 13.94 0.18 -8.19
CA ALA F 12 13.69 0.55 -6.79
C ALA F 12 12.55 1.59 -6.65
N ILE F 13 12.34 2.41 -7.70
CA ILE F 13 11.29 3.45 -7.75
C ILE F 13 9.91 2.80 -7.96
N MET F 14 9.88 1.56 -8.53
CA MET F 14 8.68 0.76 -8.82
C MET F 14 7.88 0.42 -7.56
N GLN F 15 8.47 -0.39 -6.66
CA GLN F 15 7.85 -0.85 -5.41
C GLN F 15 7.66 0.27 -4.36
N PHE F 16 8.40 1.40 -4.50
CA PHE F 16 8.30 2.56 -3.60
C PHE F 16 6.97 3.30 -3.77
N ALA F 17 6.62 3.66 -5.02
CA ALA F 17 5.39 4.39 -5.31
C ALA F 17 4.47 3.63 -6.29
N GLU F 18 4.06 2.41 -5.88
CA GLU F 18 3.15 1.53 -6.62
C GLU F 18 1.72 2.05 -6.53
N ASN F 19 1.26 2.37 -5.30
CA ASN F 19 -0.08 2.88 -5.01
C ASN F 19 -0.12 4.42 -4.93
N LYS F 20 1.07 5.08 -4.89
CA LYS F 20 1.23 6.53 -4.81
C LYS F 20 1.20 7.18 -6.19
N HIS F 21 0.85 8.48 -6.24
CA HIS F 21 0.81 9.28 -7.46
C HIS F 21 2.04 10.18 -7.57
N GLU F 22 2.52 10.67 -6.41
CA GLU F 22 3.70 11.55 -6.27
C GLU F 22 4.70 11.01 -5.25
N ILE F 23 5.99 11.39 -5.39
CA ILE F 23 7.06 10.97 -4.48
C ILE F 23 7.33 12.07 -3.44
N LEU F 24 7.19 11.71 -2.16
CA LEU F 24 7.42 12.58 -1.01
C LEU F 24 8.11 11.78 0.10
N LEU F 25 9.39 12.09 0.36
CA LEU F 25 10.16 11.41 1.40
C LEU F 25 9.78 11.91 2.79
N GLY F 26 9.72 10.99 3.75
CA GLY F 26 9.35 11.28 5.12
C GLY F 26 7.89 11.00 5.40
N GLU F 27 7.53 10.85 6.68
CA GLU F 27 6.16 10.57 7.10
C GLU F 27 5.28 11.81 7.05
N CYS F 28 3.97 11.61 6.78
CA CYS F 28 2.98 12.67 6.72
C CYS F 28 2.62 13.14 8.13
N GLU F 29 2.86 14.43 8.42
CA GLU F 29 2.59 15.04 9.73
C GLU F 29 1.16 15.57 9.90
N SER F 30 0.27 15.30 8.92
CA SER F 30 -1.13 15.72 8.96
C SER F 30 -1.97 14.85 9.90
N ASN F 31 -2.73 15.50 10.80
CA ASN F 31 -3.61 14.84 11.78
C ASN F 31 -4.87 14.26 11.12
N VAL F 32 -5.23 14.78 9.93
CA VAL F 32 -6.39 14.37 9.14
C VAL F 32 -6.05 13.24 8.15
N LYS F 33 -6.99 12.30 7.96
CA LYS F 33 -6.83 11.16 7.05
C LYS F 33 -7.18 11.54 5.61
N LEU F 34 -6.13 11.86 4.82
CA LEU F 34 -6.26 12.27 3.41
C LEU F 34 -5.12 11.66 2.56
N THR F 35 -5.42 11.33 1.29
CA THR F 35 -4.46 10.74 0.34
C THR F 35 -3.44 11.77 -0.18
N SER F 36 -2.46 11.31 -0.97
CA SER F 36 -1.39 12.13 -1.57
C SER F 36 -1.99 13.28 -2.40
N THR F 37 -2.87 12.94 -3.36
CA THR F 37 -3.54 13.89 -4.25
C THR F 37 -4.47 14.84 -3.49
N GLN F 38 -5.31 14.31 -2.58
CA GLN F 38 -6.25 15.07 -1.75
C GLN F 38 -5.60 16.22 -0.99
N GLU F 39 -4.43 15.96 -0.37
CA GLU F 39 -3.65 16.94 0.36
C GLU F 39 -2.98 17.95 -0.58
N HIS F 40 -2.62 17.52 -1.81
CA HIS F 40 -2.00 18.35 -2.83
C HIS F 40 -3.02 19.33 -3.44
N ILE F 41 -4.31 18.93 -3.49
CA ILE F 41 -5.40 19.76 -4.01
C ILE F 41 -5.57 20.98 -3.08
N LEU F 42 -5.51 20.75 -1.76
CA LEU F 42 -5.62 21.79 -0.73
C LEU F 42 -4.45 22.79 -0.81
N MET F 43 -3.25 22.30 -1.15
CA MET F 43 -2.02 23.07 -1.29
C MET F 43 -2.11 24.12 -2.42
N ILE F 44 -2.54 23.69 -3.64
CA ILE F 44 -2.67 24.55 -4.81
C ILE F 44 -3.85 25.53 -4.68
N LEU F 45 -4.90 25.15 -3.91
CA LEU F 45 -6.07 25.98 -3.66
C LEU F 45 -5.80 27.08 -2.63
N ALA F 46 -4.79 26.87 -1.76
CA ALA F 46 -4.38 27.82 -0.72
C ALA F 46 -3.77 29.08 -1.33
N ALA F 47 -2.84 28.93 -2.29
CA ALA F 47 -2.17 30.03 -2.96
C ALA F 47 -3.10 30.77 -3.94
N GLU F 48 -3.79 30.01 -4.80
CA GLU F 48 -4.70 30.56 -5.82
C GLU F 48 -6.04 29.82 -5.84
N VAL F 49 -7.16 30.58 -5.90
CA VAL F 49 -8.51 30.02 -5.99
C VAL F 49 -8.71 29.44 -7.39
N SER F 50 -8.69 28.10 -7.48
CA SER F 50 -8.76 27.35 -8.73
C SER F 50 -10.14 26.78 -9.06
N THR F 51 -10.39 26.56 -10.37
CA THR F 51 -11.61 25.97 -10.92
C THR F 51 -11.40 24.45 -11.01
N ASN F 52 -12.49 23.69 -11.25
CA ASN F 52 -12.47 22.21 -11.38
C ASN F 52 -11.54 21.74 -12.50
N ALA F 53 -11.37 22.57 -13.55
CA ALA F 53 -10.55 22.31 -14.73
C ALA F 53 -9.04 22.48 -14.47
N ARG F 54 -8.64 23.57 -13.76
CA ARG F 54 -7.24 23.87 -13.45
C ARG F 54 -6.62 22.83 -12.51
N ILE F 55 -7.42 22.26 -11.57
CA ILE F 55 -6.99 21.22 -10.63
C ILE F 55 -6.47 19.99 -11.41
N ALA F 56 -7.20 19.58 -12.47
CA ALA F 56 -6.84 18.46 -13.35
C ALA F 56 -5.56 18.77 -14.15
N GLU F 57 -5.38 20.04 -14.54
CA GLU F 57 -4.23 20.54 -15.30
C GLU F 57 -2.96 20.56 -14.43
N GLN F 58 -3.08 21.06 -13.18
CA GLN F 58 -1.99 21.16 -12.22
C GLN F 58 -1.51 19.78 -11.73
N LEU F 59 -2.45 18.95 -11.25
CA LEU F 59 -2.18 17.61 -10.73
C LEU F 59 -1.82 16.58 -11.81
N LYS F 60 -2.14 16.89 -13.09
CA LYS F 60 -1.91 16.02 -14.27
C LYS F 60 -2.73 14.72 -14.17
N ILE F 61 -3.89 14.78 -13.49
CA ILE F 61 -4.83 13.68 -13.28
C ILE F 61 -6.15 13.94 -14.03
N SER F 62 -6.89 12.87 -14.37
CA SER F 62 -8.17 12.91 -15.11
C SER F 62 -9.27 13.67 -14.35
N PRO F 63 -10.09 14.51 -15.05
CA PRO F 63 -11.18 15.24 -14.35
C PRO F 63 -12.21 14.36 -13.63
N ALA F 64 -12.26 13.06 -13.97
CA ALA F 64 -13.14 12.06 -13.34
C ALA F 64 -12.61 11.76 -11.94
N ALA F 65 -11.26 11.66 -11.79
CA ALA F 65 -10.58 11.42 -10.52
C ALA F 65 -10.59 12.68 -9.65
N VAL F 66 -10.68 13.87 -10.28
CA VAL F 66 -10.73 15.18 -9.63
C VAL F 66 -12.04 15.32 -8.86
N THR F 67 -13.20 15.06 -9.51
CA THR F 67 -14.53 15.13 -8.91
C THR F 67 -14.69 14.08 -7.79
N LYS F 68 -14.03 12.90 -7.95
CA LYS F 68 -14.01 11.80 -6.98
C LYS F 68 -13.24 12.21 -5.70
N ALA F 69 -12.16 12.99 -5.85
CA ALA F 69 -11.32 13.48 -4.76
C ALA F 69 -11.88 14.75 -4.11
N LEU F 70 -12.54 15.61 -4.91
CA LEU F 70 -13.14 16.87 -4.47
C LEU F 70 -14.41 16.65 -3.66
N LYS F 71 -15.15 15.55 -3.93
CA LYS F 71 -16.38 15.22 -3.20
C LYS F 71 -16.07 14.73 -1.78
N LYS F 72 -14.94 14.00 -1.61
CA LYS F 72 -14.46 13.47 -0.33
C LYS F 72 -13.79 14.60 0.48
N LEU F 73 -13.29 15.63 -0.21
CA LEU F 73 -12.63 16.81 0.34
C LEU F 73 -13.64 17.81 0.90
N GLN F 74 -14.76 18.06 0.18
CA GLN F 74 -15.83 18.96 0.63
C GLN F 74 -16.68 18.32 1.72
N GLU F 75 -16.66 16.97 1.81
CA GLU F 75 -17.37 16.16 2.80
C GLU F 75 -16.84 16.45 4.21
N GLN F 76 -15.50 16.62 4.33
CA GLN F 76 -14.81 16.90 5.59
C GLN F 76 -14.67 18.41 5.89
N GLU F 77 -15.52 19.25 5.24
CA GLU F 77 -15.58 20.71 5.37
C GLU F 77 -14.22 21.41 5.16
N LEU F 78 -13.46 20.94 4.15
CA LEU F 78 -12.14 21.47 3.79
C LEU F 78 -12.20 22.48 2.65
N ILE F 79 -13.06 22.23 1.64
CA ILE F 79 -13.22 23.10 0.47
C ILE F 79 -14.68 23.55 0.29
N LYS F 80 -14.87 24.80 -0.19
CA LYS F 80 -16.19 25.39 -0.43
C LYS F 80 -16.41 25.83 -1.88
N SER F 81 -17.64 25.62 -2.39
CA SER F 81 -18.04 25.97 -3.74
C SER F 81 -18.27 27.47 -3.90
N SER F 82 -17.81 28.04 -5.03
CA SER F 82 -17.95 29.46 -5.36
C SER F 82 -18.35 29.67 -6.83
N ARG F 83 -19.16 30.72 -7.09
CA ARG F 83 -19.67 31.02 -8.43
C ARG F 83 -19.65 32.53 -8.80
N ALA F 84 -18.93 32.88 -9.89
CA ALA F 84 -18.73 34.23 -10.45
C ALA F 84 -20.01 34.84 -11.02
N THR F 85 -20.03 36.18 -11.25
CA THR F 85 -21.17 36.91 -11.81
C THR F 85 -21.47 36.47 -13.25
N ASN F 86 -20.41 36.05 -13.98
CA ASN F 86 -20.49 35.55 -15.34
C ASN F 86 -20.01 34.11 -15.34
N ASP F 87 -20.79 33.20 -14.76
CA ASP F 87 -20.36 31.81 -14.81
C ASP F 87 -20.75 31.30 -16.18
N GLU F 88 -20.11 30.24 -16.62
CA GLU F 88 -20.34 29.61 -17.92
C GLU F 88 -20.09 28.12 -17.70
N ARG F 89 -21.01 27.47 -16.93
CA ARG F 89 -21.00 26.09 -16.44
C ARG F 89 -19.71 25.82 -15.60
N VAL F 90 -19.04 26.90 -15.15
CA VAL F 90 -17.80 26.88 -14.40
C VAL F 90 -18.05 26.86 -12.87
N VAL F 91 -17.22 26.09 -12.15
CA VAL F 91 -17.28 25.93 -10.70
C VAL F 91 -15.92 26.26 -10.06
N LEU F 92 -15.86 27.36 -9.29
CA LEU F 92 -14.66 27.82 -8.60
C LEU F 92 -14.58 27.22 -7.21
N TRP F 93 -13.36 26.87 -6.76
CA TRP F 93 -13.14 26.28 -5.45
C TRP F 93 -12.30 27.16 -4.54
N SER F 94 -12.78 27.33 -3.30
CA SER F 94 -12.13 28.13 -2.26
C SER F 94 -11.74 27.25 -1.07
N LEU F 95 -10.69 27.65 -0.34
CA LEU F 95 -10.19 26.92 0.82
C LEU F 95 -10.81 27.45 2.11
N THR F 96 -11.23 26.53 3.01
CA THR F 96 -11.83 26.89 4.30
C THR F 96 -10.73 27.08 5.35
N GLU F 97 -11.10 27.53 6.57
CA GLU F 97 -10.17 27.75 7.67
C GLU F 97 -9.64 26.45 8.26
N LYS F 98 -10.40 25.35 8.11
CA LYS F 98 -10.04 24.01 8.60
C LYS F 98 -8.89 23.41 7.78
N ALA F 99 -8.86 23.68 6.46
CA ALA F 99 -7.87 23.18 5.51
C ALA F 99 -6.54 23.94 5.47
N ILE F 100 -6.52 25.21 5.96
CA ILE F 100 -5.34 26.08 5.98
C ILE F 100 -4.09 25.38 6.62
N PRO F 101 -4.13 24.75 7.83
CA PRO F 101 -2.91 24.09 8.35
C PRO F 101 -2.47 22.85 7.58
N VAL F 102 -3.42 22.12 6.95
CA VAL F 102 -3.18 20.90 6.15
C VAL F 102 -2.38 21.25 4.89
N ALA F 103 -2.76 22.36 4.21
CA ALA F 103 -2.09 22.89 3.02
C ALA F 103 -0.70 23.42 3.36
N LYS F 104 -0.53 23.95 4.59
CA LYS F 104 0.73 24.46 5.13
C LYS F 104 1.69 23.31 5.40
N GLU F 105 1.15 22.17 5.87
CA GLU F 105 1.89 20.94 6.15
C GLU F 105 2.34 20.30 4.84
N HIS F 106 1.52 20.40 3.78
CA HIS F 106 1.81 19.86 2.45
C HIS F 106 2.82 20.73 1.68
N ALA F 107 2.79 22.06 1.89
CA ALA F 107 3.72 23.02 1.27
C ALA F 107 5.12 22.89 1.88
N ALA F 108 5.20 22.45 3.15
CA ALA F 108 6.44 22.24 3.90
C ALA F 108 6.99 20.81 3.72
N HIS F 109 6.11 19.80 3.50
CA HIS F 109 6.53 18.41 3.27
C HIS F 109 7.12 18.22 1.87
N HIS F 110 6.69 19.06 0.91
CA HIS F 110 7.21 19.08 -0.45
C HIS F 110 8.58 19.76 -0.41
N GLU F 111 8.71 20.77 0.47
CA GLU F 111 9.95 21.52 0.73
C GLU F 111 10.92 20.61 1.50
N LYS F 112 10.38 19.65 2.30
CA LYS F 112 11.14 18.63 3.05
C LYS F 112 11.70 17.61 2.06
N THR F 113 10.94 17.31 0.99
CA THR F 113 11.31 16.39 -0.09
C THR F 113 12.42 17.03 -0.93
N LEU F 114 12.27 18.32 -1.27
CA LEU F 114 13.23 19.08 -2.07
C LEU F 114 14.53 19.40 -1.29
N SER F 115 14.42 19.74 0.02
CA SER F 115 15.57 20.05 0.88
C SER F 115 16.48 18.83 1.09
N THR F 116 15.89 17.61 1.12
CA THR F 116 16.65 16.36 1.24
C THR F 116 17.42 16.11 -0.04
N TYR F 117 16.81 16.43 -1.22
CA TYR F 117 17.43 16.32 -2.54
C TYR F 117 18.59 17.32 -2.66
N GLN F 118 18.44 18.52 -2.07
CA GLN F 118 19.44 19.58 -2.05
C GLN F 118 20.69 19.10 -1.33
N GLU F 119 20.52 18.41 -0.17
CA GLU F 119 21.60 17.84 0.66
C GLU F 119 22.45 16.86 -0.15
N LEU F 120 21.80 15.87 -0.82
CA LEU F 120 22.46 14.85 -1.64
C LEU F 120 23.29 15.47 -2.77
N GLY F 121 22.76 16.56 -3.35
CA GLY F 121 23.41 17.30 -4.41
C GLY F 121 24.61 18.08 -3.90
N ASP F 122 24.47 18.69 -2.69
CA ASP F 122 25.49 19.51 -2.03
C ASP F 122 26.75 18.72 -1.61
N LYS F 123 26.67 17.36 -1.60
CA LYS F 123 27.78 16.46 -1.29
C LYS F 123 28.84 16.54 -2.40
N PHE F 124 28.41 16.88 -3.63
CA PHE F 124 29.22 17.01 -4.84
C PHE F 124 29.53 18.48 -5.14
N THR F 125 30.70 18.74 -5.79
CA THR F 125 31.10 20.11 -6.18
C THR F 125 30.23 20.63 -7.34
N ASP F 126 30.31 21.95 -7.63
CA ASP F 126 29.56 22.61 -8.70
C ASP F 126 29.78 21.95 -10.08
N GLU F 127 31.05 21.54 -10.35
CA GLU F 127 31.44 20.86 -11.58
C GLU F 127 30.93 19.42 -11.61
N GLU F 128 30.79 18.78 -10.43
CA GLU F 128 30.28 17.42 -10.27
C GLU F 128 28.75 17.39 -10.43
N GLN F 129 28.05 18.41 -9.89
CA GLN F 129 26.59 18.57 -9.98
C GLN F 129 26.12 18.75 -11.43
N LYS F 130 27.01 19.33 -12.28
CA LYS F 130 26.82 19.56 -13.71
C LYS F 130 26.77 18.21 -14.47
N VAL F 131 27.68 17.27 -14.11
CA VAL F 131 27.79 15.91 -14.67
C VAL F 131 26.51 15.12 -14.34
N ILE F 132 25.97 15.30 -13.11
CA ILE F 132 24.73 14.67 -12.64
C ILE F 132 23.54 15.28 -13.40
N SER F 133 23.50 16.63 -13.47
CA SER F 133 22.47 17.41 -14.16
C SER F 133 22.32 17.02 -15.64
N GLN F 134 23.44 16.91 -16.38
CA GLN F 134 23.44 16.53 -17.80
C GLN F 134 23.03 15.07 -18.00
N PHE F 135 23.30 14.18 -17.02
CA PHE F 135 22.90 12.76 -17.06
C PHE F 135 21.39 12.63 -16.88
N LEU F 136 20.85 13.26 -15.80
CA LEU F 136 19.42 13.25 -15.48
C LEU F 136 18.58 13.89 -16.58
N SER F 137 19.17 14.81 -17.38
CA SER F 137 18.52 15.47 -18.51
C SER F 137 18.34 14.49 -19.66
N VAL F 138 19.42 13.76 -20.02
CA VAL F 138 19.42 12.76 -21.09
C VAL F 138 18.52 11.57 -20.72
N LEU F 139 18.64 11.08 -19.47
CA LEU F 139 17.84 9.95 -18.98
C LEU F 139 16.35 10.27 -18.89
N THR F 140 15.97 11.46 -18.37
CA THR F 140 14.55 11.86 -18.24
C THR F 140 13.84 11.99 -19.60
N GLU F 141 14.60 12.24 -20.69
CA GLU F 141 14.04 12.38 -22.03
C GLU F 141 13.57 11.05 -22.61
N GLU F 142 14.10 9.92 -22.11
CA GLU F 142 13.70 8.59 -22.56
C GLU F 142 12.28 8.25 -22.06
N PHE F 143 11.87 8.87 -20.93
CA PHE F 143 10.56 8.70 -20.30
C PHE F 143 9.60 9.84 -20.64
N ARG F 144 9.84 10.53 -21.78
CA ARG F 144 9.03 11.65 -22.28
C ARG F 144 8.58 11.41 -23.73
N ALA G 1 15.93 -2.10 8.30
CA ALA G 1 16.44 -1.85 6.95
C ALA G 1 17.96 -1.80 6.93
N LEU G 2 18.58 -1.11 7.92
CA LEU G 2 20.04 -1.01 8.03
C LEU G 2 20.68 -2.38 8.24
N ARG G 3 20.01 -3.31 8.97
CA ARG G 3 20.50 -4.68 9.19
C ARG G 3 20.66 -5.44 7.86
N ASN G 4 19.69 -5.26 6.95
CA ASN G 4 19.68 -5.87 5.63
C ASN G 4 20.70 -5.20 4.72
N GLN G 5 20.90 -3.87 4.88
CA GLN G 5 21.88 -3.12 4.10
C GLN G 5 23.30 -3.52 4.49
N ILE G 6 23.55 -3.77 5.80
CA ILE G 6 24.86 -4.21 6.32
C ILE G 6 25.16 -5.61 5.75
N GLU G 7 24.14 -6.50 5.73
CA GLU G 7 24.26 -7.86 5.18
C GLU G 7 24.58 -7.79 3.68
N GLN G 8 23.94 -6.85 2.95
CA GLN G 8 24.13 -6.62 1.51
C GLN G 8 25.53 -6.09 1.24
N PHE G 9 25.95 -5.04 2.01
CA PHE G 9 27.26 -4.39 1.89
C PHE G 9 28.41 -5.36 2.09
N LEU G 10 28.34 -6.20 3.13
CA LEU G 10 29.37 -7.20 3.43
C LEU G 10 29.40 -8.28 2.36
N GLY G 11 28.23 -8.59 1.80
CA GLY G 11 28.04 -9.56 0.73
C GLY G 11 28.69 -9.13 -0.57
N ALA G 12 28.68 -7.80 -0.85
CA ALA G 12 29.29 -7.20 -2.03
C ALA G 12 30.82 -7.30 -1.97
N ILE G 13 31.40 -7.19 -0.74
CA ILE G 13 32.84 -7.31 -0.49
C ILE G 13 33.23 -8.79 -0.71
N MET G 14 32.39 -9.73 -0.25
CA MET G 14 32.59 -11.18 -0.41
C MET G 14 32.76 -11.57 -1.87
N GLN G 15 31.85 -11.09 -2.75
CA GLN G 15 31.90 -11.33 -4.19
C GLN G 15 33.15 -10.70 -4.81
N PHE G 16 33.48 -9.45 -4.40
CA PHE G 16 34.65 -8.68 -4.86
C PHE G 16 35.97 -9.37 -4.52
N ALA G 17 36.05 -10.12 -3.42
CA ALA G 17 37.26 -10.80 -3.01
C ALA G 17 37.16 -12.34 -2.99
N GLU G 18 36.45 -12.91 -3.98
CA GLU G 18 36.32 -14.37 -4.12
C GLU G 18 37.62 -15.06 -4.56
N ASN G 19 38.54 -14.32 -5.20
CA ASN G 19 39.84 -14.85 -5.64
C ASN G 19 41.03 -13.95 -5.21
N LYS G 20 40.74 -12.73 -4.74
CA LYS G 20 41.73 -11.74 -4.27
C LYS G 20 42.07 -11.94 -2.79
N HIS G 21 43.27 -11.49 -2.38
CA HIS G 21 43.73 -11.56 -0.99
C HIS G 21 43.61 -10.19 -0.31
N GLU G 22 43.81 -9.11 -1.09
CA GLU G 22 43.72 -7.72 -0.66
C GLU G 22 42.79 -6.89 -1.54
N ILE G 23 42.21 -5.82 -0.99
CA ILE G 23 41.32 -4.92 -1.73
C ILE G 23 42.12 -3.74 -2.31
N LEU G 24 42.11 -3.64 -3.65
CA LEU G 24 42.76 -2.57 -4.39
C LEU G 24 41.79 -2.02 -5.42
N LEU G 25 41.34 -0.77 -5.21
CA LEU G 25 40.41 -0.11 -6.12
C LEU G 25 41.18 0.56 -7.25
N GLY G 26 40.80 0.25 -8.48
CA GLY G 26 41.44 0.74 -9.68
C GLY G 26 42.20 -0.35 -10.39
N GLU G 27 42.46 -0.16 -11.69
CA GLU G 27 43.16 -1.15 -12.53
C GLU G 27 44.67 -1.15 -12.28
N CYS G 28 45.30 -2.33 -12.44
CA CYS G 28 46.74 -2.51 -12.26
C CYS G 28 47.49 -1.98 -13.48
N GLU G 29 48.35 -0.98 -13.26
CA GLU G 29 49.15 -0.32 -14.30
C GLU G 29 50.51 -1.02 -14.56
N SER G 30 50.74 -2.21 -13.96
CA SER G 30 51.98 -2.97 -14.14
C SER G 30 52.01 -3.69 -15.48
N ASN G 31 53.13 -3.53 -16.21
CA ASN G 31 53.38 -4.14 -17.51
C ASN G 31 53.69 -5.64 -17.40
N VAL G 32 54.14 -6.08 -16.20
CA VAL G 32 54.47 -7.48 -15.89
C VAL G 32 53.27 -8.25 -15.32
N LYS G 33 53.17 -9.55 -15.69
CA LYS G 33 52.09 -10.44 -15.27
C LYS G 33 52.39 -11.05 -13.88
N LEU G 34 51.82 -10.43 -12.82
CA LEU G 34 51.99 -10.85 -11.42
C LEU G 34 50.68 -10.70 -10.64
N THR G 35 50.45 -11.60 -9.65
CA THR G 35 49.26 -11.59 -8.80
C THR G 35 49.28 -10.48 -7.74
N SER G 36 48.18 -10.33 -6.97
CA SER G 36 48.03 -9.33 -5.90
C SER G 36 49.14 -9.44 -4.86
N THR G 37 49.34 -10.66 -4.30
CA THR G 37 50.36 -10.97 -3.29
C THR G 37 51.78 -10.81 -3.83
N GLN G 38 52.05 -11.34 -5.05
CA GLN G 38 53.35 -11.29 -5.73
C GLN G 38 53.89 -9.85 -5.85
N GLU G 39 53.01 -8.89 -6.23
CA GLU G 39 53.36 -7.48 -6.34
C GLU G 39 53.43 -6.78 -4.97
N HIS G 40 52.75 -7.34 -3.94
CA HIS G 40 52.77 -6.83 -2.56
C HIS G 40 54.07 -7.26 -1.86
N ILE G 41 54.68 -8.38 -2.32
CA ILE G 41 55.94 -8.90 -1.79
C ILE G 41 57.08 -7.97 -2.23
N LEU G 42 57.06 -7.52 -3.50
CA LEU G 42 58.04 -6.60 -4.08
C LEU G 42 58.01 -5.21 -3.40
N MET G 43 56.82 -4.72 -3.02
CA MET G 43 56.64 -3.41 -2.36
C MET G 43 57.26 -3.38 -0.95
N ILE G 44 57.02 -4.43 -0.12
CA ILE G 44 57.57 -4.51 1.24
C ILE G 44 59.09 -4.76 1.23
N LEU G 45 59.60 -5.43 0.17
CA LEU G 45 61.03 -5.71 0.00
C LEU G 45 61.81 -4.48 -0.49
N ALA G 46 61.11 -3.53 -1.14
CA ALA G 46 61.69 -2.29 -1.66
C ALA G 46 62.15 -1.37 -0.52
N ALA G 47 61.29 -1.17 0.49
CA ALA G 47 61.56 -0.32 1.64
C ALA G 47 62.56 -0.95 2.60
N GLU G 48 62.34 -2.24 2.97
CA GLU G 48 63.19 -2.98 3.90
C GLU G 48 63.52 -4.37 3.38
N VAL G 49 64.82 -4.77 3.46
CA VAL G 49 65.28 -6.11 3.06
C VAL G 49 64.79 -7.13 4.08
N SER G 50 63.78 -7.91 3.67
CA SER G 50 63.09 -8.88 4.53
C SER G 50 63.54 -10.34 4.33
N THR G 51 63.35 -11.15 5.39
CA THR G 51 63.65 -12.59 5.41
C THR G 51 62.37 -13.34 4.99
N ASN G 52 62.49 -14.65 4.69
CA ASN G 52 61.38 -15.52 4.29
C ASN G 52 60.25 -15.57 5.34
N ALA G 53 60.61 -15.39 6.63
CA ALA G 53 59.71 -15.41 7.77
C ALA G 53 58.89 -14.12 7.92
N ARG G 54 59.52 -12.94 7.76
CA ARG G 54 58.87 -11.63 7.88
C ARG G 54 57.82 -11.40 6.78
N ILE G 55 58.06 -11.94 5.56
CA ILE G 55 57.14 -11.83 4.42
C ILE G 55 55.78 -12.46 4.80
N ALA G 56 55.80 -13.65 5.46
CA ALA G 56 54.62 -14.38 5.93
C ALA G 56 53.89 -13.60 7.03
N GLU G 57 54.66 -12.89 7.89
CA GLU G 57 54.17 -12.07 9.00
C GLU G 57 53.47 -10.81 8.49
N GLN G 58 54.09 -10.11 7.51
CA GLN G 58 53.57 -8.88 6.90
C GLN G 58 52.31 -9.14 6.07
N LEU G 59 52.39 -10.10 5.12
CA LEU G 59 51.29 -10.46 4.23
C LEU G 59 50.14 -11.22 4.92
N LYS G 60 50.40 -11.77 6.12
CA LYS G 60 49.46 -12.57 6.94
C LYS G 60 49.04 -13.87 6.21
N ILE G 61 49.95 -14.39 5.36
CA ILE G 61 49.76 -15.62 4.58
C ILE G 61 50.74 -16.72 5.07
N SER G 62 50.39 -18.01 4.84
CA SER G 62 51.16 -19.19 5.24
C SER G 62 52.54 -19.26 4.59
N PRO G 63 53.62 -19.65 5.34
CA PRO G 63 54.96 -19.73 4.74
C PRO G 63 55.08 -20.69 3.55
N ALA G 64 54.11 -21.61 3.38
CA ALA G 64 54.04 -22.55 2.26
C ALA G 64 53.66 -21.79 0.99
N ALA G 65 52.73 -20.82 1.11
CA ALA G 65 52.27 -19.96 0.01
C ALA G 65 53.32 -18.91 -0.32
N VAL G 66 54.18 -18.55 0.66
CA VAL G 66 55.27 -17.58 0.53
C VAL G 66 56.34 -18.14 -0.40
N THR G 67 56.82 -19.37 -0.14
CA THR G 67 57.84 -20.07 -0.95
C THR G 67 57.30 -20.33 -2.39
N LYS G 68 55.98 -20.58 -2.52
CA LYS G 68 55.30 -20.82 -3.80
C LYS G 68 55.26 -19.53 -4.65
N ALA G 69 55.11 -18.36 -3.99
CA ALA G 69 55.06 -17.05 -4.63
C ALA G 69 56.46 -16.47 -4.88
N LEU G 70 57.43 -16.77 -3.98
CA LEU G 70 58.82 -16.31 -4.05
C LEU G 70 59.60 -17.04 -5.15
N LYS G 71 59.24 -18.30 -5.45
CA LYS G 71 59.90 -19.09 -6.50
C LYS G 71 59.53 -18.59 -7.91
N LYS G 72 58.26 -18.12 -8.08
CA LYS G 72 57.75 -17.55 -9.34
C LYS G 72 58.25 -16.11 -9.52
N LEU G 73 58.59 -15.44 -8.41
CA LEU G 73 59.10 -14.07 -8.34
C LEU G 73 60.59 -14.01 -8.71
N GLN G 74 61.41 -14.98 -8.20
CA GLN G 74 62.84 -15.06 -8.50
C GLN G 74 63.08 -15.62 -9.92
N GLU G 75 62.07 -16.33 -10.48
CA GLU G 75 62.08 -16.92 -11.82
C GLU G 75 62.16 -15.81 -12.88
N GLN G 76 61.42 -14.70 -12.66
CA GLN G 76 61.37 -13.55 -13.56
C GLN G 76 62.43 -12.48 -13.25
N GLU G 77 63.52 -12.87 -12.54
CA GLU G 77 64.66 -12.04 -12.13
C GLU G 77 64.26 -10.75 -11.40
N LEU G 78 63.26 -10.85 -10.49
CA LEU G 78 62.74 -9.72 -9.70
C LEU G 78 63.36 -9.66 -8.31
N ILE G 79 63.60 -10.81 -7.66
CA ILE G 79 64.18 -10.90 -6.32
C ILE G 79 65.45 -11.77 -6.29
N LYS G 80 66.42 -11.39 -5.45
CA LYS G 80 67.70 -12.11 -5.30
C LYS G 80 67.96 -12.59 -3.87
N SER G 81 68.49 -13.81 -3.73
CA SER G 81 68.79 -14.46 -2.45
C SER G 81 70.05 -13.88 -1.79
N SER G 82 70.05 -13.82 -0.44
CA SER G 82 71.16 -13.34 0.39
C SER G 82 71.21 -14.12 1.70
N ARG G 83 72.43 -14.39 2.20
CA ARG G 83 72.62 -15.14 3.44
C ARG G 83 73.62 -14.45 4.38
N ALA G 84 73.28 -14.42 5.68
CA ALA G 84 74.06 -13.79 6.75
C ALA G 84 75.39 -14.52 7.04
N THR G 85 76.32 -13.83 7.74
CA THR G 85 77.63 -14.36 8.14
C THR G 85 77.48 -15.59 9.09
N ASN G 86 76.28 -15.74 9.69
CA ASN G 86 75.89 -16.86 10.54
C ASN G 86 74.53 -17.37 10.03
N ASP G 87 74.50 -18.62 9.54
CA ASP G 87 73.30 -19.23 8.97
C ASP G 87 72.62 -20.26 9.87
N GLU G 88 71.36 -19.98 10.23
CA GLU G 88 70.47 -20.81 11.05
C GLU G 88 69.15 -20.90 10.26
N ARG G 89 69.24 -21.48 9.04
CA ARG G 89 68.21 -21.65 8.00
C ARG G 89 67.58 -20.28 7.60
N VAL G 90 68.31 -19.18 7.82
CA VAL G 90 67.86 -17.83 7.48
C VAL G 90 68.25 -17.49 6.02
N VAL G 91 67.26 -17.01 5.24
CA VAL G 91 67.36 -16.63 3.83
C VAL G 91 66.80 -15.22 3.62
N LEU G 92 67.70 -14.23 3.52
CA LEU G 92 67.35 -12.82 3.33
C LEU G 92 67.04 -12.55 1.86
N TRP G 93 66.05 -11.70 1.59
CA TRP G 93 65.64 -11.35 0.23
C TRP G 93 65.87 -9.89 -0.10
N SER G 94 66.47 -9.66 -1.27
CA SER G 94 66.79 -8.33 -1.79
C SER G 94 66.05 -8.07 -3.11
N LEU G 95 65.77 -6.80 -3.40
CA LEU G 95 65.07 -6.40 -4.61
C LEU G 95 66.05 -6.04 -5.73
N THR G 96 65.76 -6.51 -6.96
CA THR G 96 66.60 -6.23 -8.14
C THR G 96 66.16 -4.91 -8.78
N GLU G 97 66.91 -4.45 -9.81
CA GLU G 97 66.61 -3.20 -10.52
C GLU G 97 65.38 -3.33 -11.43
N LYS G 98 65.05 -4.57 -11.84
CA LYS G 98 63.89 -4.88 -12.70
C LYS G 98 62.58 -4.72 -11.93
N ALA G 99 62.59 -5.05 -10.63
CA ALA G 99 61.42 -5.01 -9.74
C ALA G 99 61.10 -3.62 -9.14
N ILE G 100 62.09 -2.70 -9.13
CA ILE G 100 61.96 -1.34 -8.59
C ILE G 100 60.70 -0.59 -9.16
N PRO G 101 60.43 -0.50 -10.49
CA PRO G 101 59.21 0.21 -10.94
C PRO G 101 57.90 -0.48 -10.58
N VAL G 102 57.91 -1.84 -10.47
CA VAL G 102 56.75 -2.67 -10.13
C VAL G 102 56.30 -2.39 -8.69
N ALA G 103 57.28 -2.30 -7.76
CA ALA G 103 57.07 -2.01 -6.34
C ALA G 103 56.57 -0.57 -6.18
N LYS G 104 57.04 0.35 -7.05
CA LYS G 104 56.65 1.76 -7.08
C LYS G 104 55.19 1.89 -7.52
N GLU G 105 54.74 1.02 -8.45
CA GLU G 105 53.36 0.99 -8.95
C GLU G 105 52.40 0.49 -7.89
N HIS G 106 52.76 -0.60 -7.16
CA HIS G 106 51.93 -1.20 -6.10
C HIS G 106 51.76 -0.27 -4.89
N ALA G 107 52.80 0.54 -4.59
CA ALA G 107 52.78 1.53 -3.52
C ALA G 107 51.89 2.71 -3.92
N ALA G 108 51.84 3.01 -5.24
CA ALA G 108 51.01 4.05 -5.82
C ALA G 108 49.55 3.59 -5.88
N HIS G 109 49.32 2.29 -6.19
CA HIS G 109 47.99 1.67 -6.28
C HIS G 109 47.34 1.59 -4.89
N HIS G 110 48.17 1.44 -3.83
CA HIS G 110 47.70 1.40 -2.45
C HIS G 110 47.28 2.79 -1.99
N GLU G 111 48.06 3.83 -2.38
CA GLU G 111 47.76 5.23 -2.05
C GLU G 111 46.60 5.75 -2.88
N LYS G 112 46.38 5.15 -4.08
CA LYS G 112 45.28 5.44 -4.99
C LYS G 112 43.97 4.97 -4.35
N THR G 113 44.01 3.75 -3.73
CA THR G 113 42.89 3.10 -3.03
C THR G 113 42.49 3.89 -1.77
N LEU G 114 43.50 4.36 -0.98
CA LEU G 114 43.28 5.15 0.23
C LEU G 114 42.69 6.52 -0.12
N SER G 115 43.18 7.14 -1.21
CA SER G 115 42.70 8.43 -1.70
C SER G 115 41.24 8.37 -2.12
N THR G 116 40.81 7.23 -2.69
CA THR G 116 39.39 7.05 -3.07
C THR G 116 38.55 6.95 -1.80
N TYR G 117 39.05 6.25 -0.73
CA TYR G 117 38.37 6.14 0.57
C TYR G 117 38.29 7.51 1.25
N GLN G 118 39.34 8.34 1.07
CA GLN G 118 39.43 9.70 1.61
C GLN G 118 38.33 10.57 1.01
N GLU G 119 38.13 10.47 -0.33
CA GLU G 119 37.11 11.20 -1.09
C GLU G 119 35.70 10.92 -0.56
N LEU G 120 35.35 9.62 -0.40
CA LEU G 120 34.04 9.17 0.09
C LEU G 120 33.75 9.73 1.49
N GLY G 121 34.79 9.79 2.33
CA GLY G 121 34.72 10.33 3.68
C GLY G 121 34.54 11.83 3.68
N ASP G 122 35.27 12.53 2.78
CA ASP G 122 35.26 13.99 2.63
C ASP G 122 33.91 14.57 2.18
N LYS G 123 32.99 13.71 1.66
CA LYS G 123 31.64 14.08 1.24
C LYS G 123 30.80 14.49 2.46
N PHE G 124 31.15 13.94 3.63
CA PHE G 124 30.48 14.17 4.92
C PHE G 124 31.27 15.16 5.79
N THR G 125 30.56 15.91 6.67
CA THR G 125 31.19 16.89 7.57
C THR G 125 31.97 16.16 8.68
N ASP G 126 32.81 16.91 9.43
CA ASP G 126 33.63 16.38 10.54
C ASP G 126 32.80 15.65 11.59
N GLU G 127 31.60 16.21 11.91
CA GLU G 127 30.65 15.63 12.87
C GLU G 127 29.97 14.39 12.31
N GLU G 128 29.79 14.34 10.96
CA GLU G 128 29.20 13.21 10.26
C GLU G 128 30.18 12.04 10.15
N GLN G 129 31.48 12.35 9.89
CA GLN G 129 32.57 11.38 9.78
C GLN G 129 32.79 10.65 11.10
N LYS G 130 32.46 11.31 12.23
CA LYS G 130 32.55 10.79 13.60
C LYS G 130 31.52 9.65 13.77
N VAL G 131 30.28 9.86 13.31
CA VAL G 131 29.16 8.91 13.35
C VAL G 131 29.53 7.64 12.56
N ILE G 132 30.19 7.83 11.40
CA ILE G 132 30.66 6.76 10.51
C ILE G 132 31.82 6.03 11.21
N SER G 133 32.80 6.78 11.76
CA SER G 133 33.97 6.29 12.47
C SER G 133 33.58 5.40 13.65
N GLN G 134 32.59 5.84 14.45
CA GLN G 134 32.07 5.11 15.61
C GLN G 134 31.44 3.78 15.18
N PHE G 135 30.69 3.79 14.06
CA PHE G 135 30.02 2.61 13.49
C PHE G 135 31.03 1.58 13.00
N LEU G 136 31.99 2.01 12.16
CA LEU G 136 33.03 1.16 11.59
C LEU G 136 33.94 0.56 12.66
N SER G 137 34.04 1.22 13.83
CA SER G 137 34.83 0.75 14.97
C SER G 137 34.13 -0.44 15.62
N VAL G 138 32.81 -0.30 15.89
CA VAL G 138 31.99 -1.34 16.51
C VAL G 138 31.85 -2.54 15.56
N LEU G 139 31.60 -2.28 14.26
CA LEU G 139 31.44 -3.32 13.25
C LEU G 139 32.73 -4.10 12.99
N THR G 140 33.89 -3.40 12.88
CA THR G 140 35.19 -4.06 12.63
C THR G 140 35.61 -5.01 13.76
N GLU G 141 35.13 -4.76 14.99
CA GLU G 141 35.48 -5.58 16.15
C GLU G 141 34.81 -6.95 16.11
N GLU G 142 33.71 -7.11 15.35
CA GLU G 142 33.02 -8.39 15.20
C GLU G 142 33.86 -9.36 14.35
N PHE G 143 34.69 -8.80 13.45
CA PHE G 143 35.58 -9.54 12.54
C PHE G 143 37.03 -9.61 13.08
N ARG G 144 37.20 -9.46 14.41
CA ARG G 144 38.50 -9.51 15.10
C ARG G 144 38.49 -10.52 16.24
N ALA H 1 42.45 10.37 8.35
CA ALA H 1 42.32 9.33 9.36
C ALA H 1 41.24 8.32 9.00
N LEU H 2 40.06 8.80 8.50
CA LEU H 2 38.95 7.95 8.09
C LEU H 2 39.35 7.04 6.93
N ARG H 3 40.22 7.54 6.00
CA ARG H 3 40.73 6.76 4.86
C ARG H 3 41.51 5.52 5.34
N ASN H 4 42.32 5.69 6.40
CA ASN H 4 43.12 4.63 7.00
C ASN H 4 42.22 3.68 7.81
N GLN H 5 41.15 4.23 8.44
CA GLN H 5 40.20 3.41 9.20
C GLN H 5 39.37 2.53 8.27
N ILE H 6 38.99 3.05 7.08
CA ILE H 6 38.24 2.30 6.06
C ILE H 6 39.13 1.15 5.55
N GLU H 7 40.43 1.45 5.30
CA GLU H 7 41.41 0.46 4.85
C GLU H 7 41.59 -0.65 5.91
N GLN H 8 41.63 -0.26 7.20
CA GLN H 8 41.75 -1.16 8.35
C GLN H 8 40.50 -2.05 8.46
N PHE H 9 39.30 -1.42 8.42
CA PHE H 9 38.01 -2.11 8.53
C PHE H 9 37.82 -3.17 7.46
N LEU H 10 38.14 -2.83 6.19
CA LEU H 10 38.03 -3.76 5.06
C LEU H 10 39.05 -4.89 5.19
N GLY H 11 40.22 -4.56 5.76
CA GLY H 11 41.30 -5.51 6.02
C GLY H 11 40.95 -6.56 7.04
N ALA H 12 40.13 -6.17 8.05
CA ALA H 12 39.65 -7.06 9.11
C ALA H 12 38.67 -8.08 8.55
N ILE H 13 37.85 -7.68 7.55
CA ILE H 13 36.88 -8.53 6.86
C ILE H 13 37.66 -9.55 6.01
N MET H 14 38.75 -9.10 5.34
CA MET H 14 39.63 -9.93 4.51
C MET H 14 40.18 -11.11 5.29
N GLN H 15 40.72 -10.85 6.50
CA GLN H 15 41.27 -11.87 7.39
C GLN H 15 40.17 -12.83 7.85
N PHE H 16 39.00 -12.27 8.23
CA PHE H 16 37.81 -12.99 8.69
C PHE H 16 37.25 -13.94 7.64
N ALA H 17 37.39 -13.61 6.34
CA ALA H 17 36.89 -14.43 5.25
C ALA H 17 37.98 -14.96 4.31
N GLU H 18 39.09 -15.43 4.90
CA GLU H 18 40.19 -16.04 4.14
C GLU H 18 39.85 -17.45 3.62
N ASN H 19 38.90 -18.15 4.26
CA ASN H 19 38.46 -19.49 3.85
C ASN H 19 36.93 -19.63 3.78
N LYS H 20 36.19 -18.63 4.31
CA LYS H 20 34.73 -18.60 4.33
C LYS H 20 34.15 -17.99 3.04
N HIS H 21 32.90 -18.35 2.71
CA HIS H 21 32.17 -17.84 1.55
C HIS H 21 31.18 -16.76 1.96
N GLU H 22 30.58 -16.91 3.16
CA GLU H 22 29.60 -15.99 3.75
C GLU H 22 29.99 -15.57 5.16
N ILE H 23 29.52 -14.38 5.59
CA ILE H 23 29.80 -13.87 6.93
C ILE H 23 28.66 -14.24 7.88
N LEU H 24 29.01 -15.01 8.92
CA LEU H 24 28.09 -15.44 9.96
C LEU H 24 28.74 -15.18 11.31
N LEU H 25 28.17 -14.23 12.07
CA LEU H 25 28.67 -13.86 13.39
C LEU H 25 28.10 -14.79 14.42
N GLY H 26 28.98 -15.40 15.21
CA GLY H 26 28.62 -16.37 16.23
C GLY H 26 29.05 -17.77 15.85
N GLU H 27 29.17 -18.64 16.86
CA GLU H 27 29.59 -20.03 16.66
C GLU H 27 28.46 -20.90 16.10
N CYS H 28 28.84 -21.91 15.30
CA CYS H 28 27.92 -22.87 14.69
C CYS H 28 27.46 -23.88 15.74
N GLU H 29 26.14 -23.92 15.99
CA GLU H 29 25.52 -24.81 16.97
C GLU H 29 25.13 -26.20 16.39
N SER H 30 25.54 -26.49 15.14
CA SER H 30 25.26 -27.76 14.48
C SER H 30 26.15 -28.88 15.01
N ASN H 31 25.54 -30.03 15.36
CA ASN H 31 26.23 -31.22 15.87
C ASN H 31 26.96 -31.98 14.74
N VAL H 32 26.55 -31.76 13.48
CA VAL H 32 27.12 -32.37 12.27
C VAL H 32 28.25 -31.51 11.67
N LYS H 33 29.29 -32.17 11.14
CA LYS H 33 30.45 -31.52 10.53
C LYS H 33 30.17 -31.17 9.05
N LEU H 34 29.78 -29.90 8.82
CA LEU H 34 29.46 -29.36 7.50
C LEU H 34 29.97 -27.93 7.34
N THR H 35 30.36 -27.56 6.11
CA THR H 35 30.89 -26.22 5.78
C THR H 35 29.79 -25.15 5.73
N SER H 36 30.17 -23.87 5.53
CA SER H 36 29.28 -22.72 5.45
C SER H 36 28.22 -22.90 4.36
N THR H 37 28.67 -23.20 3.12
CA THR H 37 27.83 -23.42 1.94
C THR H 37 26.95 -24.65 2.09
N GLN H 38 27.53 -25.80 2.55
CA GLN H 38 26.84 -27.08 2.75
C GLN H 38 25.61 -26.94 3.65
N GLU H 39 25.74 -26.21 4.78
CA GLU H 39 24.63 -25.95 5.71
C GLU H 39 23.62 -24.97 5.14
N HIS H 40 24.06 -24.05 4.25
CA HIS H 40 23.19 -23.07 3.58
C HIS H 40 22.35 -23.74 2.49
N ILE H 41 22.90 -24.78 1.81
CA ILE H 41 22.20 -25.55 0.77
C ILE H 41 20.97 -26.23 1.38
N LEU H 42 21.13 -26.77 2.61
CA LEU H 42 20.06 -27.43 3.36
C LEU H 42 18.96 -26.43 3.75
N MET H 43 19.35 -25.17 4.06
CA MET H 43 18.46 -24.08 4.45
C MET H 43 17.48 -23.68 3.33
N ILE H 44 18.00 -23.46 2.09
CA ILE H 44 17.21 -23.08 0.92
C ILE H 44 16.35 -24.24 0.39
N LEU H 45 16.80 -25.49 0.61
CA LEU H 45 16.08 -26.69 0.20
C LEU H 45 14.92 -27.02 1.13
N ALA H 46 14.99 -26.53 2.39
CA ALA H 46 13.96 -26.73 3.42
C ALA H 46 12.66 -26.00 3.05
N ALA H 47 12.77 -24.71 2.66
CA ALA H 47 11.64 -23.88 2.29
C ALA H 47 11.03 -24.28 0.94
N GLU H 48 11.89 -24.43 -0.09
CA GLU H 48 11.48 -24.78 -1.45
C GLU H 48 12.35 -25.88 -2.04
N VAL H 49 11.71 -26.89 -2.67
CA VAL H 49 12.40 -27.99 -3.33
C VAL H 49 13.06 -27.46 -4.61
N SER H 50 14.39 -27.33 -4.57
CA SER H 50 15.20 -26.76 -5.63
C SER H 50 15.91 -27.77 -6.52
N THR H 51 16.21 -27.35 -7.76
CA THR H 51 16.95 -28.13 -8.76
C THR H 51 18.44 -27.80 -8.62
N ASN H 52 19.32 -28.60 -9.27
CA ASN H 52 20.77 -28.43 -9.23
C ASN H 52 21.22 -27.04 -9.75
N ALA H 53 20.43 -26.45 -10.66
CA ALA H 53 20.66 -25.15 -11.29
C ALA H 53 20.32 -23.96 -10.38
N ARG H 54 19.17 -24.02 -9.67
CA ARG H 54 18.72 -22.97 -8.77
C ARG H 54 19.64 -22.79 -7.55
N ILE H 55 20.25 -23.90 -7.06
CA ILE H 55 21.19 -23.89 -5.93
C ILE H 55 22.40 -22.99 -6.27
N ALA H 56 22.93 -23.10 -7.51
CA ALA H 56 24.04 -22.30 -8.02
C ALA H 56 23.65 -20.81 -8.15
N GLU H 57 22.38 -20.55 -8.52
CA GLU H 57 21.80 -19.21 -8.69
C GLU H 57 21.63 -18.51 -7.33
N GLN H 58 21.09 -19.24 -6.33
CA GLN H 58 20.84 -18.74 -4.98
C GLN H 58 22.14 -18.48 -4.22
N LEU H 59 23.03 -19.47 -4.17
CA LEU H 59 24.32 -19.40 -3.47
C LEU H 59 25.36 -18.51 -4.17
N LYS H 60 25.13 -18.18 -5.46
CA LYS H 60 26.01 -17.37 -6.32
C LYS H 60 27.40 -18.04 -6.52
N ILE H 61 27.42 -19.39 -6.46
CA ILE H 61 28.60 -20.23 -6.63
C ILE H 61 28.49 -21.06 -7.94
N SER H 62 29.64 -21.48 -8.49
CA SER H 62 29.75 -22.26 -9.74
C SER H 62 29.08 -23.64 -9.65
N PRO H 63 28.35 -24.10 -10.70
CA PRO H 63 27.71 -25.43 -10.66
C PRO H 63 28.64 -26.61 -10.42
N ALA H 64 29.96 -26.41 -10.63
CA ALA H 64 31.01 -27.41 -10.40
C ALA H 64 31.20 -27.59 -8.89
N ALA H 65 31.15 -26.47 -8.13
CA ALA H 65 31.28 -26.44 -6.67
C ALA H 65 30.00 -26.95 -6.01
N VAL H 66 28.84 -26.81 -6.71
CA VAL H 66 27.51 -27.26 -6.28
C VAL H 66 27.47 -28.78 -6.21
N THR H 67 27.87 -29.46 -7.31
CA THR H 67 27.91 -30.93 -7.41
C THR H 67 28.92 -31.52 -6.42
N LYS H 68 30.02 -30.79 -6.15
CA LYS H 68 31.08 -31.17 -5.20
C LYS H 68 30.56 -31.13 -3.75
N ALA H 69 29.67 -30.15 -3.44
CA ALA H 69 29.06 -29.97 -2.13
C ALA H 69 27.82 -30.85 -1.93
N LEU H 70 27.05 -31.10 -3.01
CA LEU H 70 25.84 -31.93 -3.00
C LEU H 70 26.15 -33.42 -2.87
N LYS H 71 27.33 -33.86 -3.37
CA LYS H 71 27.76 -35.26 -3.28
C LYS H 71 28.16 -35.64 -1.85
N LYS H 72 28.77 -34.69 -1.11
CA LYS H 72 29.18 -34.84 0.29
C LYS H 72 27.96 -34.72 1.22
N LEU H 73 26.91 -34.02 0.76
CA LEU H 73 25.65 -33.79 1.46
C LEU H 73 24.74 -35.01 1.39
N GLN H 74 24.63 -35.65 0.21
CA GLN H 74 23.82 -36.86 0.01
C GLN H 74 24.50 -38.09 0.62
N GLU H 75 25.83 -38.02 0.83
CA GLU H 75 26.67 -39.07 1.43
C GLU H 75 26.27 -39.30 2.89
N GLN H 76 25.96 -38.21 3.61
CA GLN H 76 25.56 -38.23 5.02
C GLN H 76 24.03 -38.34 5.21
N GLU H 77 23.30 -38.83 4.17
CA GLU H 77 21.84 -39.03 4.12
C GLU H 77 21.03 -37.77 4.52
N LEU H 78 21.47 -36.60 4.04
CA LEU H 78 20.83 -35.31 4.32
C LEU H 78 19.88 -34.86 3.20
N ILE H 79 20.25 -35.13 1.93
CA ILE H 79 19.45 -34.76 0.75
C ILE H 79 19.15 -35.98 -0.13
N LYS H 80 17.95 -36.00 -0.74
CA LYS H 80 17.48 -37.09 -1.62
C LYS H 80 17.13 -36.61 -3.03
N SER H 81 17.53 -37.40 -4.04
CA SER H 81 17.30 -37.11 -5.47
C SER H 81 15.85 -37.37 -5.89
N SER H 82 15.35 -36.53 -6.83
CA SER H 82 14.01 -36.62 -7.40
C SER H 82 14.03 -36.19 -8.86
N ARG H 83 13.21 -36.85 -9.70
CA ARG H 83 13.14 -36.55 -11.13
C ARG H 83 11.71 -36.39 -11.63
N ALA H 84 11.48 -35.36 -12.45
CA ALA H 84 10.16 -34.99 -13.00
C ALA H 84 9.63 -36.00 -14.03
N THR H 85 8.30 -35.96 -14.29
CA THR H 85 7.62 -36.83 -15.26
C THR H 85 8.10 -36.55 -16.71
N ASN H 86 8.54 -35.30 -16.98
CA ASN H 86 9.08 -34.87 -18.26
C ASN H 86 10.55 -34.48 -18.04
N ASP H 87 11.43 -35.50 -18.01
CA ASP H 87 12.87 -35.36 -17.78
C ASP H 87 13.62 -34.74 -18.95
N GLU H 88 14.29 -33.62 -18.69
CA GLU H 88 15.14 -32.89 -19.64
C GLU H 88 16.42 -32.60 -18.86
N ARG H 89 17.12 -33.69 -18.43
CA ARG H 89 18.33 -33.76 -17.60
C ARG H 89 18.13 -33.04 -16.22
N VAL H 90 16.85 -32.96 -15.80
CA VAL H 90 16.40 -32.29 -14.58
C VAL H 90 16.59 -33.19 -13.33
N VAL H 91 17.30 -32.66 -12.32
CA VAL H 91 17.57 -33.34 -11.06
C VAL H 91 17.11 -32.47 -9.89
N LEU H 92 15.89 -32.73 -9.41
CA LEU H 92 15.29 -32.02 -8.30
C LEU H 92 15.81 -32.57 -6.98
N TRP H 93 16.02 -31.69 -5.99
CA TRP H 93 16.53 -32.06 -4.68
C TRP H 93 15.54 -31.82 -3.56
N SER H 94 15.36 -32.83 -2.70
CA SER H 94 14.46 -32.82 -1.55
C SER H 94 15.24 -32.97 -0.25
N LEU H 95 14.71 -32.43 0.85
CA LEU H 95 15.35 -32.49 2.16
C LEU H 95 14.84 -33.69 2.97
N THR H 96 15.75 -34.42 3.63
CA THR H 96 15.40 -35.57 4.47
C THR H 96 15.04 -35.12 5.89
N GLU H 97 14.59 -36.05 6.75
CA GLU H 97 14.23 -35.75 8.14
C GLU H 97 15.46 -35.49 9.01
N LYS H 98 16.63 -36.03 8.61
CA LYS H 98 17.92 -35.87 9.31
C LYS H 98 18.44 -34.43 9.19
N ALA H 99 18.21 -33.80 8.02
CA ALA H 99 18.67 -32.45 7.68
C ALA H 99 17.80 -31.31 8.20
N ILE H 100 16.52 -31.59 8.53
CA ILE H 100 15.55 -30.60 9.03
C ILE H 100 16.11 -29.76 10.22
N PRO H 101 16.69 -30.33 11.33
CA PRO H 101 17.20 -29.45 12.40
C PRO H 101 18.44 -28.62 12.02
N VAL H 102 19.26 -29.13 11.08
CA VAL H 102 20.49 -28.48 10.59
C VAL H 102 20.13 -27.22 9.82
N ALA H 103 19.09 -27.30 8.95
CA ALA H 103 18.57 -26.19 8.15
C ALA H 103 17.94 -25.14 9.06
N LYS H 104 17.31 -25.59 10.16
CA LYS H 104 16.69 -24.74 11.18
C LYS H 104 17.75 -23.95 11.93
N GLU H 105 18.93 -24.55 12.16
CA GLU H 105 20.07 -23.94 12.84
C GLU H 105 20.72 -22.86 11.96
N HIS H 106 20.94 -23.13 10.65
CA HIS H 106 21.55 -22.18 9.71
C HIS H 106 20.67 -20.96 9.45
N ALA H 107 19.33 -21.14 9.51
CA ALA H 107 18.33 -20.07 9.36
C ALA H 107 18.32 -19.21 10.63
N ALA H 108 18.59 -19.84 11.79
CA ALA H 108 18.65 -19.17 13.09
C ALA H 108 19.98 -18.41 13.21
N HIS H 109 21.08 -18.98 12.66
CA HIS H 109 22.42 -18.37 12.66
C HIS H 109 22.45 -17.12 11.78
N HIS H 110 21.65 -17.11 10.70
CA HIS H 110 21.52 -15.98 9.80
C HIS H 110 20.74 -14.85 10.45
N GLU H 111 19.66 -15.18 11.20
CA GLU H 111 18.84 -14.19 11.91
C GLU H 111 19.59 -13.67 13.13
N LYS H 112 20.51 -14.49 13.69
CA LYS H 112 21.38 -14.16 14.83
C LYS H 112 22.37 -13.06 14.39
N THR H 113 22.97 -13.23 13.18
CA THR H 113 23.93 -12.31 12.57
C THR H 113 23.27 -10.98 12.19
N LEU H 114 22.03 -11.02 11.63
CA LEU H 114 21.27 -9.82 11.27
C LEU H 114 20.89 -9.03 12.51
N SER H 115 20.49 -9.74 13.59
CA SER H 115 20.11 -9.15 14.86
C SER H 115 21.27 -8.41 15.51
N THR H 116 22.51 -8.92 15.35
CA THR H 116 23.69 -8.25 15.88
C THR H 116 23.93 -6.96 15.07
N TYR H 117 23.72 -6.99 13.73
CA TYR H 117 23.85 -5.80 12.86
C TYR H 117 22.78 -4.77 13.20
N GLN H 118 21.57 -5.25 13.57
CA GLN H 118 20.43 -4.42 13.96
C GLN H 118 20.78 -3.63 15.23
N GLU H 119 21.40 -4.30 16.22
CA GLU H 119 21.83 -3.73 17.49
C GLU H 119 22.80 -2.57 17.29
N LEU H 120 23.87 -2.78 16.47
CA LEU H 120 24.90 -1.78 16.17
C LEU H 120 24.29 -0.53 15.53
N GLY H 121 23.29 -0.74 14.67
CA GLY H 121 22.58 0.33 13.99
C GLY H 121 21.67 1.10 14.93
N ASP H 122 20.98 0.37 15.84
CA ASP H 122 20.05 0.91 16.83
C ASP H 122 20.70 1.83 17.89
N LYS H 123 22.05 1.80 17.99
CA LYS H 123 22.84 2.64 18.90
C LYS H 123 22.75 4.12 18.45
N PHE H 124 22.53 4.33 17.14
CA PHE H 124 22.44 5.63 16.47
C PHE H 124 20.97 6.01 16.19
N THR H 125 20.67 7.33 16.17
CA THR H 125 19.32 7.82 15.88
C THR H 125 18.96 7.63 14.40
N ASP H 126 17.66 7.81 14.03
CA ASP H 126 17.17 7.66 12.66
C ASP H 126 17.92 8.55 11.67
N GLU H 127 18.23 9.80 12.09
CA GLU H 127 18.98 10.78 11.29
C GLU H 127 20.46 10.38 11.17
N GLU H 128 21.00 9.70 12.20
CA GLU H 128 22.38 9.22 12.23
C GLU H 128 22.54 7.97 11.35
N GLN H 129 21.54 7.07 11.37
CA GLN H 129 21.50 5.83 10.57
C GLN H 129 21.47 6.15 9.06
N LYS H 130 20.91 7.33 8.69
CA LYS H 130 20.82 7.86 7.33
C LYS H 130 22.24 8.18 6.81
N VAL H 131 23.07 8.85 7.64
CA VAL H 131 24.46 9.22 7.36
C VAL H 131 25.31 7.95 7.09
N ILE H 132 25.06 6.89 7.90
CA ILE H 132 25.70 5.59 7.79
C ILE H 132 25.22 4.90 6.49
N SER H 133 23.89 4.90 6.25
CA SER H 133 23.23 4.32 5.09
C SER H 133 23.76 4.91 3.78
N GLN H 134 23.91 6.25 3.73
CA GLN H 134 24.44 6.98 2.57
C GLN H 134 25.89 6.58 2.28
N PHE H 135 26.70 6.42 3.34
CA PHE H 135 28.12 6.01 3.26
C PHE H 135 28.27 4.60 2.72
N LEU H 136 27.55 3.63 3.33
CA LEU H 136 27.57 2.22 2.94
C LEU H 136 27.07 2.00 1.52
N SER H 137 26.24 2.92 0.99
CA SER H 137 25.70 2.88 -0.37
C SER H 137 26.81 3.24 -1.35
N VAL H 138 27.55 4.34 -1.09
CA VAL H 138 28.66 4.82 -1.92
C VAL H 138 29.81 3.81 -1.89
N LEU H 139 30.17 3.31 -0.68
CA LEU H 139 31.26 2.37 -0.49
C LEU H 139 30.98 1.00 -1.14
N THR H 140 29.75 0.46 -0.99
CA THR H 140 29.37 -0.85 -1.57
C THR H 140 29.43 -0.85 -3.11
N GLU H 141 29.25 0.33 -3.74
CA GLU H 141 29.28 0.44 -5.20
C GLU H 141 30.68 0.27 -5.79
N GLU H 142 31.73 0.48 -4.98
CA GLU H 142 33.12 0.30 -5.42
C GLU H 142 33.43 -1.20 -5.60
N PHE H 143 32.72 -2.06 -4.85
CA PHE H 143 32.86 -3.52 -4.87
C PHE H 143 31.78 -4.19 -5.76
N ARG H 144 31.21 -3.42 -6.71
CA ARG H 144 30.17 -3.89 -7.64
C ARG H 144 30.56 -3.64 -9.10
ZN ZN I . 0.02 -18.08 18.30
ZN ZN J . 5.93 -20.39 14.06
ZN ZN K . 3.26 7.68 32.46
ZN ZN L . -2.62 11.77 33.75
ZN ZN M . -39.04 26.06 -19.13
ZN ZN N . -31.51 26.77 -18.91
ZN ZN O . -50.66 -0.52 -13.21
ZN ZN P . -57.92 -0.07 -10.27
ZN ZN Q . 10.38 -8.70 -17.47
ZN ZN R . 8.80 -8.97 -25.36
ZN ZN S . 2.30 17.25 -4.22
ZN ZN T . 1.39 16.52 4.97
ZN ZN U . 47.67 -5.13 -3.18
ZN ZN V . 50.65 -3.72 -9.13
ZN ZN W . 24.28 -19.33 4.74
ZN ZN X . 25.16 -22.38 11.21
#